data_9B6Y
#
_entry.id   9B6Y
#
_cell.length_a   1.00
_cell.length_b   1.00
_cell.length_c   1.00
_cell.angle_alpha   90.00
_cell.angle_beta   90.00
_cell.angle_gamma   90.00
#
_symmetry.space_group_name_H-M   'P 1'
#
_entity_poly.entity_id   1
_entity_poly.type   'polypeptide(L)'
_entity_poly.pdbx_seq_one_letter_code
;AHCIGITDRDFIEGVHGGTWVSATLEQDKCVTVMAPDKPSLDISLETVAIDGPAEARKVCYSAVLTNVKINDKCPSTGEA
HLEEENEGDNACKRTYSDRGWGNGCGLFGKGSIVACAKFTCAKSMSLFEVDQTKIQYVIRAQLHVGAKQENWNTDIKTLK
FDALSGSQEAEFTGYGRATLECQVQTAVDFSNSYIAEMEKESWIVDKQWAQDLTLPWQSGSGGVWREMHHLVEFEPPHAA
TIKVLALGNQEGSLKTALTGAMRVTKDTNNSKLYKLHGGHVACRVKLSALTLKGTSYKMCTDKMSFVKNPTDTGHGTAVM
QVKVPKGAPCRIPVMVADDLTAAVNKGILVTVNPIASTNDDEVLIEVNPPFGDSYIIVGRGDSRLTYQWHK
;
_entity_poly.pdbx_strand_id   A,B,C
#
# COMPACT_ATOMS: atom_id res chain seq x y z
N ALA A 1 -9.69 23.78 -21.49
CA ALA A 1 -8.60 24.19 -20.61
C ALA A 1 -8.04 23.00 -19.87
N HIS A 2 -7.28 22.17 -20.59
CA HIS A 2 -6.81 20.92 -20.01
C HIS A 2 -5.96 21.19 -18.79
N CYS A 3 -5.36 22.37 -18.71
CA CYS A 3 -4.47 22.70 -17.61
C CYS A 3 -5.19 22.81 -16.28
N ILE A 4 -6.52 22.92 -16.28
CA ILE A 4 -7.25 22.97 -15.03
C ILE A 4 -7.14 21.67 -14.25
N GLY A 5 -7.01 20.54 -14.92
CA GLY A 5 -7.10 19.23 -14.29
C GLY A 5 -5.81 18.58 -13.84
N ILE A 6 -4.66 19.20 -14.05
CA ILE A 6 -3.37 18.63 -13.73
C ILE A 6 -2.78 19.35 -12.54
N THR A 7 -2.52 18.62 -11.47
CA THR A 7 -2.19 19.22 -10.18
C THR A 7 -0.91 20.04 -10.23
N ASP A 8 0.07 19.64 -11.05
CA ASP A 8 1.31 20.41 -11.17
C ASP A 8 1.19 21.39 -12.33
N ARG A 9 0.56 22.52 -12.03
CA ARG A 9 0.40 23.63 -12.97
C ARG A 9 1.35 24.78 -12.63
N ASP A 10 2.09 25.24 -13.63
CA ASP A 10 2.95 26.41 -13.51
C ASP A 10 2.44 27.54 -14.39
N PHE A 11 2.56 28.77 -13.89
CA PHE A 11 2.18 29.97 -14.62
C PHE A 11 3.41 30.76 -15.06
N ILE A 12 3.48 31.09 -16.35
CA ILE A 12 4.58 31.86 -16.90
C ILE A 12 4.01 33.16 -17.48
N GLU A 13 4.58 34.29 -17.08
CA GLU A 13 4.12 35.61 -17.50
C GLU A 13 5.07 36.21 -18.53
N GLY A 14 4.50 36.76 -19.61
CA GLY A 14 5.26 37.18 -20.77
C GLY A 14 5.40 38.67 -20.99
N VAL A 15 5.51 39.06 -22.27
CA VAL A 15 5.75 40.44 -22.67
C VAL A 15 5.11 40.61 -24.04
N HIS A 16 4.88 41.86 -24.43
CA HIS A 16 4.22 42.19 -25.67
C HIS A 16 5.15 41.94 -26.86
N GLY A 17 4.66 42.31 -28.05
CA GLY A 17 5.42 42.39 -29.28
C GLY A 17 5.83 41.07 -29.91
N GLY A 18 6.71 41.19 -30.91
CA GLY A 18 7.29 40.06 -31.60
C GLY A 18 8.34 39.35 -30.76
N THR A 19 7.90 38.53 -29.81
CA THR A 19 8.78 37.99 -28.80
C THR A 19 8.46 36.52 -28.58
N TRP A 20 9.41 35.83 -27.97
CA TRP A 20 9.24 34.44 -27.57
C TRP A 20 9.27 34.33 -26.07
N VAL A 21 8.48 33.41 -25.52
CA VAL A 21 8.48 33.08 -24.10
C VAL A 21 8.97 31.66 -23.92
N SER A 22 9.86 31.46 -22.95
CA SER A 22 10.43 30.16 -22.65
C SER A 22 9.58 29.38 -21.65
N ALA A 23 9.60 28.05 -21.80
CA ALA A 23 8.84 27.14 -20.94
C ALA A 23 9.56 25.80 -20.89
N THR A 24 9.18 24.98 -19.91
CA THR A 24 9.64 23.61 -19.83
C THR A 24 8.53 22.71 -19.36
N LEU A 25 8.47 21.50 -19.89
CA LEU A 25 7.36 20.60 -19.64
C LEU A 25 7.86 19.26 -19.13
N GLU A 26 7.06 18.64 -18.26
CA GLU A 26 7.27 17.27 -17.79
C GLU A 26 5.98 16.50 -17.95
N GLN A 27 6.09 15.18 -18.02
CA GLN A 27 4.97 14.37 -18.52
C GLN A 27 3.76 14.39 -17.61
N ASP A 28 3.90 14.83 -16.37
CA ASP A 28 2.78 14.88 -15.44
C ASP A 28 2.35 16.30 -15.12
N LYS A 29 2.83 17.31 -15.86
CA LYS A 29 2.71 18.70 -15.44
C LYS A 29 2.24 19.56 -16.62
N CYS A 30 1.80 20.78 -16.31
CA CYS A 30 1.26 21.66 -17.34
C CYS A 30 1.63 23.10 -17.05
N VAL A 31 1.79 23.88 -18.12
CA VAL A 31 2.09 25.31 -18.03
C VAL A 31 0.92 26.10 -18.59
N THR A 32 0.52 27.15 -17.87
CA THR A 32 -0.26 28.25 -18.45
C THR A 32 0.67 29.44 -18.63
N VAL A 33 0.86 29.86 -19.87
CA VAL A 33 1.66 31.03 -20.20
C VAL A 33 0.75 32.19 -20.58
N MET A 34 1.00 33.36 -19.98
CA MET A 34 0.14 34.52 -20.08
C MET A 34 0.96 35.72 -20.51
N ALA A 35 0.33 36.63 -21.25
CA ALA A 35 1.02 37.79 -21.78
C ALA A 35 0.04 38.96 -21.87
N PRO A 36 0.54 40.19 -21.91
CA PRO A 36 -0.30 41.37 -21.64
C PRO A 36 -1.61 41.43 -22.39
N ASP A 37 -1.70 40.95 -23.62
CA ASP A 37 -2.96 41.02 -24.32
C ASP A 37 -3.23 39.78 -25.14
N LYS A 38 -2.38 38.86 -25.14
CA LYS A 38 -2.67 37.65 -25.86
C LYS A 38 -3.57 36.78 -25.00
N PRO A 39 -4.53 36.08 -25.60
CA PRO A 39 -5.20 35.00 -24.88
C PRO A 39 -4.21 33.99 -24.36
N SER A 40 -4.41 33.58 -23.11
CA SER A 40 -3.44 32.72 -22.43
C SER A 40 -3.49 31.29 -22.93
N LEU A 41 -2.31 30.68 -23.06
CA LEU A 41 -2.10 29.40 -23.72
C LEU A 41 -1.69 28.34 -22.72
N ASP A 42 -2.41 27.21 -22.70
CA ASP A 42 -2.07 26.03 -21.91
C ASP A 42 -1.27 25.02 -22.74
N ILE A 43 -0.22 24.46 -22.15
CA ILE A 43 0.64 23.48 -22.84
C ILE A 43 0.99 22.34 -21.90
N SER A 44 0.83 21.10 -22.37
CA SER A 44 1.32 19.92 -21.65
C SER A 44 1.85 18.87 -22.62
N LEU A 45 2.71 17.99 -22.10
CA LEU A 45 3.10 16.74 -22.76
C LEU A 45 1.98 15.72 -22.78
N GLU A 46 2.04 14.82 -23.73
CA GLU A 46 1.08 13.72 -23.81
C GLU A 46 1.74 12.37 -23.88
N THR A 47 2.84 12.23 -24.61
CA THR A 47 3.65 11.02 -24.57
C THR A 47 5.07 11.35 -24.95
N VAL A 48 5.99 10.50 -24.49
CA VAL A 48 7.30 10.33 -25.12
C VAL A 48 7.45 8.86 -25.46
N ALA A 49 7.86 8.55 -26.69
CA ALA A 49 7.81 7.15 -27.11
C ALA A 49 8.89 6.86 -28.14
N ILE A 50 9.21 5.56 -28.24
CA ILE A 50 10.03 5.01 -29.30
C ILE A 50 9.20 3.96 -30.02
N ASP A 51 9.37 3.87 -31.33
CA ASP A 51 8.64 2.93 -32.16
C ASP A 51 9.60 1.86 -32.68
N GLY A 52 9.29 0.60 -32.39
CA GLY A 52 10.05 -0.53 -32.85
C GLY A 52 11.54 -0.54 -32.55
N PRO A 53 11.91 -0.36 -31.29
CA PRO A 53 13.33 -0.46 -30.93
C PRO A 53 13.89 -1.83 -31.25
N ALA A 54 15.19 -1.86 -31.56
CA ALA A 54 15.84 -3.05 -32.08
C ALA A 54 16.34 -3.95 -30.96
N GLU A 55 16.23 -5.27 -31.17
CA GLU A 55 16.68 -6.24 -30.18
C GLU A 55 18.19 -6.19 -29.98
N ALA A 56 18.63 -6.31 -28.73
CA ALA A 56 20.03 -6.14 -28.39
C ALA A 56 20.59 -7.27 -27.54
N ARG A 57 19.77 -7.82 -26.65
CA ARG A 57 20.08 -9.02 -25.89
C ARG A 57 18.77 -9.69 -25.50
N LYS A 58 18.85 -10.96 -25.17
CA LYS A 58 17.91 -11.60 -24.26
C LYS A 58 18.66 -12.04 -23.00
N VAL A 59 18.00 -11.92 -21.85
CA VAL A 59 18.56 -12.36 -20.58
C VAL A 59 17.61 -13.36 -19.94
N CYS A 60 18.12 -14.54 -19.58
CA CYS A 60 17.30 -15.66 -19.15
C CYS A 60 17.20 -15.73 -17.63
N TYR A 61 15.98 -15.94 -17.14
CA TYR A 61 15.73 -15.98 -15.71
C TYR A 61 14.99 -17.24 -15.25
N SER A 62 14.74 -18.19 -16.14
CA SER A 62 14.28 -19.52 -15.72
C SER A 62 14.68 -20.55 -16.77
N ALA A 63 15.31 -21.64 -16.34
CA ALA A 63 15.85 -22.61 -17.28
C ALA A 63 15.59 -24.03 -16.81
N VAL A 64 15.44 -24.95 -17.75
CA VAL A 64 15.25 -26.36 -17.45
C VAL A 64 16.41 -27.16 -18.04
N LEU A 65 17.02 -27.99 -17.20
CA LEU A 65 18.13 -28.87 -17.56
C LEU A 65 17.64 -30.27 -17.90
N THR A 66 17.30 -30.48 -19.17
CA THR A 66 16.40 -31.58 -19.50
C THR A 66 17.05 -32.96 -19.42
N ASN A 67 18.35 -33.11 -19.66
CA ASN A 67 18.97 -34.39 -19.39
C ASN A 67 20.46 -34.24 -19.11
N VAL A 68 21.03 -35.26 -18.47
CA VAL A 68 22.35 -35.18 -17.84
C VAL A 68 23.09 -36.48 -18.04
N LYS A 69 24.39 -36.40 -18.35
CA LYS A 69 25.24 -37.58 -18.22
C LYS A 69 26.64 -37.24 -17.74
N ILE A 70 27.30 -38.26 -17.19
CA ILE A 70 28.57 -38.17 -16.49
C ILE A 70 29.57 -39.10 -17.13
N ASN A 71 30.83 -38.69 -17.20
CA ASN A 71 31.91 -39.63 -17.45
C ASN A 71 33.03 -39.46 -16.45
N ASP A 72 33.59 -40.59 -16.01
CA ASP A 72 34.51 -40.66 -14.89
C ASP A 72 35.66 -41.60 -15.22
N LYS A 73 36.86 -41.22 -14.81
CA LYS A 73 38.03 -42.04 -15.06
C LYS A 73 38.92 -42.10 -13.83
N CYS A 74 39.54 -43.25 -13.63
CA CYS A 74 40.42 -43.53 -12.51
C CYS A 74 41.66 -42.64 -12.53
N PRO A 75 42.28 -42.44 -11.37
CA PRO A 75 43.32 -41.41 -11.24
C PRO A 75 44.49 -41.48 -12.21
N SER A 76 44.88 -42.65 -12.67
CA SER A 76 45.96 -42.76 -13.63
C SER A 76 45.48 -42.90 -15.05
N THR A 77 44.18 -42.86 -15.29
CA THR A 77 43.62 -43.15 -16.59
C THR A 77 43.34 -41.89 -17.39
N GLY A 78 43.80 -40.75 -16.91
CA GLY A 78 43.71 -39.51 -17.64
C GLY A 78 42.35 -38.84 -17.60
N GLU A 79 42.22 -37.81 -18.42
CA GLU A 79 41.06 -36.95 -18.40
C GLU A 79 39.86 -37.58 -19.10
N ALA A 80 38.68 -37.40 -18.50
CA ALA A 80 37.41 -37.87 -19.03
C ALA A 80 36.85 -36.91 -20.07
N HIS A 81 36.00 -37.46 -20.93
CA HIS A 81 35.41 -36.66 -22.00
C HIS A 81 33.99 -37.14 -22.28
N LEU A 82 33.16 -36.22 -22.77
CA LEU A 82 31.83 -36.53 -23.24
C LEU A 82 31.58 -35.77 -24.53
N GLU A 83 30.99 -36.44 -25.52
CA GLU A 83 30.74 -35.79 -26.80
C GLU A 83 29.80 -34.60 -26.65
N GLU A 84 28.91 -34.64 -25.66
CA GLU A 84 28.06 -33.50 -25.39
C GLU A 84 28.83 -32.24 -25.02
N GLU A 85 30.06 -32.38 -24.54
CA GLU A 85 30.81 -31.22 -24.03
C GLU A 85 31.09 -30.20 -25.12
N ASN A 86 31.12 -30.61 -26.38
CA ASN A 86 31.36 -29.68 -27.48
C ASN A 86 30.10 -29.22 -28.19
N GLU A 87 28.92 -29.59 -27.72
CA GLU A 87 27.65 -29.22 -28.35
C GLU A 87 27.01 -28.06 -27.62
N GLY A 88 26.65 -27.01 -28.35
CA GLY A 88 26.48 -25.69 -27.78
C GLY A 88 25.32 -25.54 -26.81
N ASP A 89 24.32 -26.40 -26.88
CA ASP A 89 23.22 -26.30 -25.95
C ASP A 89 23.47 -26.95 -24.60
N ASN A 90 24.68 -27.45 -24.33
CA ASN A 90 24.95 -28.17 -23.10
C ASN A 90 25.92 -27.42 -22.21
N ALA A 91 25.51 -27.19 -20.97
CA ALA A 91 26.37 -26.65 -19.92
C ALA A 91 27.18 -27.75 -19.27
N CYS A 92 28.50 -27.61 -19.25
CA CYS A 92 29.39 -28.68 -18.86
C CYS A 92 30.46 -28.17 -17.91
N LYS A 93 30.79 -28.96 -16.89
CA LYS A 93 31.82 -28.65 -15.91
C LYS A 93 32.78 -29.82 -15.74
N ARG A 94 34.07 -29.49 -15.64
CA ARG A 94 35.14 -30.46 -15.41
C ARG A 94 35.73 -30.27 -14.02
N THR A 95 35.85 -31.37 -13.28
CA THR A 95 36.31 -31.32 -11.90
C THR A 95 36.84 -32.68 -11.52
N TYR A 96 37.52 -32.75 -10.38
CA TYR A 96 38.18 -33.96 -9.91
C TYR A 96 37.48 -34.58 -8.71
N SER A 97 37.21 -35.89 -8.78
CA SER A 97 36.57 -36.67 -7.73
C SER A 97 37.59 -37.35 -6.84
N ASP A 98 37.10 -37.90 -5.71
CA ASP A 98 37.91 -38.67 -4.76
C ASP A 98 37.77 -40.18 -4.98
N ARG A 99 38.50 -40.69 -5.95
CA ARG A 99 38.51 -42.09 -6.31
C ARG A 99 39.37 -42.94 -5.35
N GLY A 100 39.14 -44.25 -5.36
CA GLY A 100 39.87 -45.16 -4.51
C GLY A 100 39.28 -46.57 -4.60
N TRP A 101 39.84 -47.47 -3.77
CA TRP A 101 39.39 -48.86 -3.79
C TRP A 101 37.92 -48.99 -3.44
N GLY A 102 37.43 -48.15 -2.53
CA GLY A 102 36.02 -48.21 -2.20
C GLY A 102 35.11 -47.82 -3.33
N ASN A 103 35.65 -47.16 -4.35
CA ASN A 103 34.86 -46.67 -5.46
C ASN A 103 35.23 -47.35 -6.76
N GLY A 104 35.97 -48.44 -6.71
CA GLY A 104 36.27 -49.20 -7.91
C GLY A 104 37.49 -48.78 -8.69
N CYS A 105 38.58 -48.42 -8.00
CA CYS A 105 39.85 -48.14 -8.66
C CYS A 105 41.00 -48.72 -7.85
N GLY A 106 42.10 -48.97 -8.55
CA GLY A 106 43.31 -49.49 -7.95
C GLY A 106 44.20 -48.48 -7.26
N LEU A 107 43.98 -47.19 -7.47
CA LEU A 107 44.81 -46.17 -6.85
C LEU A 107 43.93 -45.09 -6.24
N PHE A 108 44.46 -44.44 -5.21
CA PHE A 108 43.68 -43.58 -4.34
C PHE A 108 43.80 -42.10 -4.68
N GLY A 109 44.41 -41.74 -5.79
CA GLY A 109 44.47 -40.35 -6.22
C GLY A 109 43.13 -39.76 -6.62
N LYS A 110 43.15 -38.45 -6.86
CA LYS A 110 42.01 -37.72 -7.39
C LYS A 110 41.65 -38.13 -8.82
N GLY A 111 40.40 -38.49 -9.05
CA GLY A 111 39.91 -38.86 -10.36
C GLY A 111 39.36 -37.69 -11.16
N SER A 112 39.05 -37.94 -12.43
CA SER A 112 38.51 -36.92 -13.33
C SER A 112 37.05 -37.18 -13.65
N ILE A 113 36.21 -36.16 -13.50
CA ILE A 113 34.78 -36.23 -13.84
C ILE A 113 34.39 -35.06 -14.73
N VAL A 114 33.54 -35.32 -15.71
CA VAL A 114 32.85 -34.29 -16.49
C VAL A 114 31.35 -34.48 -16.37
N ALA A 115 30.62 -33.37 -16.22
CA ALA A 115 29.16 -33.37 -16.16
C ALA A 115 28.61 -32.41 -17.21
N CYS A 116 27.63 -32.87 -17.99
CA CYS A 116 27.02 -32.08 -19.05
C CYS A 116 25.50 -32.08 -18.91
N ALA A 117 24.86 -30.94 -19.15
CA ALA A 117 23.40 -30.83 -19.08
C ALA A 117 22.84 -29.98 -20.20
N LYS A 118 21.76 -30.45 -20.84
CA LYS A 118 21.10 -29.72 -21.92
C LYS A 118 20.28 -28.55 -21.40
N PHE A 119 20.68 -27.35 -21.77
CA PHE A 119 20.05 -26.10 -21.34
C PHE A 119 18.83 -25.75 -22.18
N THR A 120 17.90 -25.01 -21.57
CA THR A 120 16.73 -24.50 -22.27
C THR A 120 16.17 -23.33 -21.49
N CYS A 121 16.16 -22.14 -22.08
CA CYS A 121 15.49 -20.99 -21.49
C CYS A 121 13.98 -21.17 -21.51
N ALA A 122 13.35 -21.06 -20.33
CA ALA A 122 11.90 -21.06 -20.26
C ALA A 122 11.30 -19.68 -20.43
N LYS A 123 11.83 -18.69 -19.73
CA LYS A 123 11.35 -17.32 -19.84
C LYS A 123 12.53 -16.36 -19.78
N SER A 124 12.52 -15.32 -20.61
CA SER A 124 13.65 -14.41 -20.67
C SER A 124 13.20 -12.97 -20.93
N MET A 125 13.98 -12.03 -20.39
CA MET A 125 13.86 -10.64 -20.80
C MET A 125 14.28 -10.48 -22.24
N SER A 126 13.62 -9.55 -22.91
CA SER A 126 14.10 -9.01 -24.17
C SER A 126 14.62 -7.61 -23.91
N LEU A 127 15.86 -7.36 -24.28
CA LEU A 127 16.48 -6.05 -24.13
C LEU A 127 16.54 -5.34 -25.49
N PHE A 128 15.90 -4.18 -25.58
CA PHE A 128 15.80 -3.42 -26.83
C PHE A 128 16.60 -2.13 -26.78
N GLU A 129 17.39 -1.89 -27.81
CA GLU A 129 18.17 -0.67 -27.95
C GLU A 129 17.30 0.52 -28.36
N VAL A 130 17.58 1.68 -27.77
CA VAL A 130 16.88 2.93 -28.11
C VAL A 130 17.82 3.85 -28.86
N ASP A 131 17.44 4.21 -30.09
CA ASP A 131 18.15 5.24 -30.84
C ASP A 131 17.63 6.58 -30.35
N GLN A 132 18.47 7.30 -29.61
CA GLN A 132 18.12 8.61 -29.08
C GLN A 132 17.63 9.58 -30.14
N THR A 133 17.98 9.37 -31.40
CA THR A 133 17.48 10.21 -32.47
C THR A 133 16.08 9.83 -32.95
N LYS A 134 15.60 8.63 -32.62
CA LYS A 134 14.32 8.17 -33.16
C LYS A 134 13.15 8.34 -32.20
N ILE A 135 13.34 9.02 -31.07
CA ILE A 135 12.29 9.22 -30.07
C ILE A 135 11.24 10.21 -30.58
N GLN A 136 9.98 9.97 -30.19
CA GLN A 136 8.81 10.74 -30.63
C GLN A 136 8.18 11.47 -29.45
N TYR A 137 7.62 12.65 -29.73
CA TYR A 137 7.07 13.53 -28.71
C TYR A 137 5.69 14.00 -29.15
N VAL A 138 4.78 14.21 -28.19
CA VAL A 138 3.47 14.79 -28.48
C VAL A 138 3.14 15.85 -27.45
N ILE A 139 2.67 17.01 -27.91
CA ILE A 139 2.34 18.15 -27.06
C ILE A 139 0.87 18.50 -27.21
N ARG A 140 0.22 18.81 -26.10
CA ARG A 140 -1.15 19.32 -26.07
C ARG A 140 -1.16 20.84 -25.85
N ALA A 141 -1.93 21.56 -26.67
CA ALA A 141 -2.05 23.01 -26.57
C ALA A 141 -3.51 23.43 -26.54
N GLN A 142 -3.83 24.43 -25.71
CA GLN A 142 -5.16 25.01 -25.66
C GLN A 142 -5.12 26.49 -25.32
N LEU A 143 -6.08 27.23 -25.86
CA LEU A 143 -6.39 28.59 -25.44
C LEU A 143 -7.70 28.60 -24.65
N HIS A 144 -7.77 29.44 -23.62
CA HIS A 144 -8.98 29.63 -22.84
C HIS A 144 -10.02 30.43 -23.60
N VAL A 145 -10.67 29.77 -24.55
CA VAL A 145 -11.81 30.36 -25.24
C VAL A 145 -13.00 30.49 -24.30
N GLY A 146 -12.87 29.97 -23.09
CA GLY A 146 -14.01 29.93 -22.20
C GLY A 146 -15.00 28.80 -22.46
N ALA A 147 -14.55 27.71 -23.05
CA ALA A 147 -15.41 26.55 -23.28
C ALA A 147 -15.65 25.75 -22.01
N LYS A 148 -16.85 25.19 -21.92
CA LYS A 148 -17.19 24.23 -20.87
C LYS A 148 -16.38 22.94 -21.00
N GLN A 149 -16.24 22.23 -19.88
CA GLN A 149 -15.40 21.04 -19.84
C GLN A 149 -15.91 19.94 -20.76
N GLU A 150 -17.23 19.88 -20.98
CA GLU A 150 -17.76 18.93 -21.94
C GLU A 150 -17.20 19.14 -23.33
N ASN A 151 -16.63 20.31 -23.62
CA ASN A 151 -16.03 20.61 -24.89
C ASN A 151 -14.53 20.39 -24.98
N TRP A 152 -13.80 20.35 -23.86
CA TRP A 152 -12.35 20.32 -23.94
C TRP A 152 -11.85 19.17 -24.80
N ASN A 153 -12.50 18.02 -24.70
CA ASN A 153 -12.04 16.81 -25.37
C ASN A 153 -11.98 16.92 -26.88
N THR A 154 -12.59 17.93 -27.48
CA THR A 154 -12.43 18.16 -28.91
C THR A 154 -11.64 19.42 -29.25
N ASP A 155 -11.66 20.43 -28.39
CA ASP A 155 -10.95 21.66 -28.67
C ASP A 155 -9.45 21.51 -28.52
N ILE A 156 -9.01 20.59 -27.66
CA ILE A 156 -7.59 20.31 -27.46
C ILE A 156 -6.91 20.04 -28.79
N LYS A 157 -5.75 20.66 -28.98
CA LYS A 157 -4.97 20.53 -30.20
C LYS A 157 -3.75 19.66 -29.94
N THR A 158 -3.48 18.69 -30.83
CA THR A 158 -2.39 17.75 -30.65
C THR A 158 -1.26 18.00 -31.63
N LEU A 159 -0.10 18.37 -31.10
CA LEU A 159 1.09 18.65 -31.87
C LEU A 159 2.06 17.48 -31.73
N LYS A 160 2.33 16.82 -32.84
CA LYS A 160 3.20 15.65 -32.87
C LYS A 160 4.61 16.05 -33.30
N PHE A 161 5.60 15.35 -32.76
CA PHE A 161 6.99 15.66 -33.02
C PHE A 161 7.82 14.39 -33.10
N ASP A 162 9.00 14.54 -33.69
CA ASP A 162 10.13 13.64 -33.47
C ASP A 162 11.36 14.50 -33.23
N ALA A 163 12.44 13.87 -32.75
CA ALA A 163 13.62 14.61 -32.35
C ALA A 163 14.20 15.42 -33.51
N LEU A 164 13.84 15.11 -34.74
CA LEU A 164 14.34 15.82 -35.90
C LEU A 164 13.40 16.91 -36.38
N SER A 165 12.09 16.77 -36.13
CA SER A 165 11.13 17.76 -36.56
C SER A 165 11.40 19.13 -35.94
N GLY A 166 11.04 20.17 -36.68
CA GLY A 166 11.26 21.54 -36.27
C GLY A 166 10.13 22.12 -35.44
N SER A 167 10.24 23.42 -35.17
CA SER A 167 9.18 24.16 -34.50
C SER A 167 7.89 24.12 -35.32
N GLN A 168 6.76 24.01 -34.62
CA GLN A 168 5.48 23.75 -35.28
C GLN A 168 4.41 24.72 -34.82
N GLU A 169 3.42 24.89 -35.70
CA GLU A 169 2.43 25.96 -35.67
C GLU A 169 1.05 25.40 -35.34
N ALA A 170 0.33 26.05 -34.42
CA ALA A 170 -1.02 25.67 -34.05
C ALA A 170 -2.03 26.73 -34.50
N GLU A 171 -3.14 26.30 -35.05
CA GLU A 171 -4.17 27.21 -35.56
C GLU A 171 -5.44 27.10 -34.74
N PHE A 172 -5.88 28.23 -34.19
CA PHE A 172 -7.11 28.33 -33.41
C PHE A 172 -8.07 29.23 -34.16
N THR A 173 -9.24 28.70 -34.49
CA THR A 173 -10.21 29.46 -35.27
C THR A 173 -10.53 30.77 -34.55
N GLY A 174 -10.46 31.87 -35.30
CA GLY A 174 -10.64 33.19 -34.77
C GLY A 174 -9.41 33.81 -34.14
N TYR A 175 -8.86 33.15 -33.13
CA TYR A 175 -7.80 33.73 -32.32
C TYR A 175 -6.47 33.81 -33.04
N GLY A 176 -6.33 33.13 -34.17
CA GLY A 176 -5.10 33.16 -34.95
C GLY A 176 -4.24 31.94 -34.71
N ARG A 177 -2.95 32.15 -34.46
CA ARG A 177 -2.02 31.03 -34.48
C ARG A 177 -0.88 31.25 -33.47
N ALA A 178 -0.27 30.13 -33.09
CA ALA A 178 0.93 30.14 -32.26
C ALA A 178 1.98 29.27 -32.91
N THR A 179 3.23 29.43 -32.47
CA THR A 179 4.28 28.49 -32.84
C THR A 179 5.15 28.18 -31.63
N LEU A 180 5.43 26.90 -31.44
CA LEU A 180 6.29 26.39 -30.39
C LEU A 180 7.56 25.84 -31.01
N GLU A 181 8.70 26.32 -30.55
CA GLU A 181 9.91 25.52 -30.57
C GLU A 181 9.86 24.53 -29.42
N CYS A 182 10.26 23.29 -29.66
CA CYS A 182 10.51 22.35 -28.58
C CYS A 182 11.77 21.54 -28.87
N GLN A 183 12.89 21.96 -28.28
CA GLN A 183 14.21 21.41 -28.57
C GLN A 183 14.50 20.14 -27.76
N VAL A 184 13.67 19.12 -27.99
CA VAL A 184 13.61 17.94 -27.12
C VAL A 184 14.95 17.28 -26.87
N GLN A 185 15.86 17.34 -27.85
CA GLN A 185 17.15 16.66 -27.76
C GLN A 185 18.04 17.18 -26.64
N THR A 186 17.86 18.44 -26.23
CA THR A 186 18.59 18.94 -25.08
C THR A 186 17.99 18.44 -23.77
N ALA A 187 16.77 17.93 -23.81
CA ALA A 187 16.15 17.41 -22.60
C ALA A 187 16.52 15.96 -22.30
N VAL A 188 16.36 15.06 -23.27
CA VAL A 188 16.55 13.63 -23.04
C VAL A 188 17.85 13.16 -23.65
N ASP A 189 18.61 12.39 -22.88
CA ASP A 189 19.92 11.83 -23.24
C ASP A 189 19.96 10.34 -22.86
N PHE A 190 18.90 9.62 -23.20
CA PHE A 190 18.74 8.23 -22.80
C PHE A 190 19.68 7.26 -23.52
N SER A 191 20.58 7.73 -24.37
CA SER A 191 21.70 6.91 -24.80
C SER A 191 22.49 6.40 -23.61
N ASN A 192 23.20 5.29 -23.84
CA ASN A 192 23.81 4.47 -22.79
C ASN A 192 22.79 3.83 -21.86
N SER A 193 21.52 3.80 -22.24
CA SER A 193 20.50 3.02 -21.56
C SER A 193 19.65 2.30 -22.62
N TYR A 194 18.83 1.35 -22.17
CA TYR A 194 18.06 0.52 -23.09
C TYR A 194 16.79 0.04 -22.40
N ILE A 195 15.83 -0.40 -23.21
CA ILE A 195 14.55 -0.91 -22.72
C ILE A 195 14.67 -2.38 -22.33
N ALA A 196 14.37 -2.68 -21.06
CA ALA A 196 14.27 -4.05 -20.58
C ALA A 196 12.79 -4.45 -20.53
N GLU A 197 12.40 -5.39 -21.38
CA GLU A 197 11.03 -5.88 -21.42
C GLU A 197 10.92 -7.26 -20.79
N MET A 198 9.84 -7.46 -20.05
CA MET A 198 9.51 -8.74 -19.43
C MET A 198 8.01 -8.92 -19.64
N GLU A 199 7.52 -10.14 -19.43
CA GLU A 199 6.16 -10.42 -19.81
C GLU A 199 5.18 -9.44 -19.18
N LYS A 200 4.55 -8.63 -20.03
CA LYS A 200 3.62 -7.57 -19.66
C LYS A 200 4.21 -6.52 -18.74
N GLU A 201 5.53 -6.36 -18.69
CA GLU A 201 6.09 -5.24 -17.94
C GLU A 201 7.41 -4.83 -18.58
N SER A 202 7.78 -3.56 -18.42
CA SER A 202 9.04 -3.09 -19.00
C SER A 202 9.61 -1.91 -18.23
N TRP A 203 10.91 -1.71 -18.39
CA TRP A 203 11.69 -0.68 -17.71
C TRP A 203 12.74 -0.16 -18.68
N ILE A 204 13.34 0.99 -18.36
CA ILE A 204 14.57 1.44 -19.01
C ILE A 204 15.70 1.48 -17.99
N VAL A 205 16.85 0.91 -18.34
CA VAL A 205 17.94 0.78 -17.38
C VAL A 205 19.28 0.87 -18.11
N ASP A 206 20.32 1.21 -17.36
CA ASP A 206 21.62 1.50 -17.93
C ASP A 206 22.25 0.25 -18.52
N LYS A 207 22.89 0.41 -19.68
CA LYS A 207 23.47 -0.72 -20.37
C LYS A 207 24.62 -1.34 -19.59
N GLN A 208 25.47 -0.53 -18.97
CA GLN A 208 26.57 -1.09 -18.20
C GLN A 208 26.08 -1.92 -17.03
N TRP A 209 24.94 -1.55 -16.44
CA TRP A 209 24.31 -2.40 -15.45
C TRP A 209 23.90 -3.73 -16.05
N ALA A 210 23.18 -3.70 -17.16
CA ALA A 210 22.61 -4.93 -17.73
C ALA A 210 23.67 -5.86 -18.24
N GLN A 211 24.71 -5.33 -18.87
CA GLN A 211 25.80 -6.17 -19.31
C GLN A 211 26.48 -6.84 -18.12
N ASP A 212 26.56 -6.16 -17.01
CA ASP A 212 27.15 -6.73 -15.81
C ASP A 212 26.26 -7.74 -15.10
N LEU A 213 25.06 -8.04 -15.59
CA LEU A 213 24.20 -8.99 -14.90
C LEU A 213 24.82 -10.38 -14.87
N THR A 214 24.77 -11.01 -13.70
CA THR A 214 25.18 -12.39 -13.50
C THR A 214 24.10 -13.37 -13.89
N LEU A 215 23.54 -13.23 -15.08
CA LEU A 215 22.52 -14.15 -15.57
C LEU A 215 22.84 -14.51 -17.01
N PRO A 216 22.51 -15.73 -17.44
CA PRO A 216 22.80 -16.14 -18.81
C PRO A 216 22.01 -15.36 -19.84
N TRP A 217 22.61 -15.23 -21.02
CA TRP A 217 22.11 -14.29 -22.01
C TRP A 217 22.47 -14.74 -23.41
N GLN A 218 21.78 -14.14 -24.37
CA GLN A 218 21.86 -14.52 -25.77
C GLN A 218 22.01 -13.27 -26.62
N SER A 219 22.89 -13.34 -27.62
CA SER A 219 23.35 -12.17 -28.32
C SER A 219 22.45 -11.74 -29.47
N GLY A 220 21.44 -12.52 -29.81
CA GLY A 220 20.63 -12.16 -30.95
C GLY A 220 19.65 -13.26 -31.31
N SER A 221 19.15 -13.19 -32.53
CA SER A 221 18.19 -14.16 -33.03
C SER A 221 18.85 -15.53 -33.11
N GLY A 222 18.40 -16.46 -32.27
CA GLY A 222 19.02 -17.75 -32.19
C GLY A 222 20.46 -17.71 -31.69
N GLY A 223 21.13 -18.83 -31.90
CA GLY A 223 22.46 -19.05 -31.37
C GLY A 223 22.48 -19.35 -29.87
N VAL A 224 23.65 -19.76 -29.39
CA VAL A 224 23.79 -20.38 -28.07
C VAL A 224 23.72 -19.34 -26.98
N TRP A 225 23.28 -19.76 -25.80
CA TRP A 225 23.32 -18.94 -24.61
C TRP A 225 24.72 -18.92 -24.02
N ARG A 226 25.14 -17.77 -23.52
CA ARG A 226 26.56 -17.44 -23.48
C ARG A 226 27.22 -17.50 -22.10
N GLU A 227 26.48 -17.51 -21.01
CA GLU A 227 27.08 -17.62 -19.68
C GLU A 227 26.27 -18.57 -18.82
N MET A 228 26.04 -19.77 -19.34
CA MET A 228 25.08 -20.69 -18.77
C MET A 228 25.34 -21.04 -17.31
N HIS A 229 26.59 -20.99 -16.86
CA HIS A 229 26.90 -21.36 -15.49
C HIS A 229 26.17 -20.52 -14.46
N HIS A 230 25.80 -19.31 -14.81
CA HIS A 230 25.08 -18.47 -13.85
C HIS A 230 23.73 -19.00 -13.45
N LEU A 231 23.20 -20.01 -14.11
CA LEU A 231 21.99 -20.67 -13.61
C LEU A 231 22.13 -22.12 -13.22
N VAL A 232 23.32 -22.71 -13.25
CA VAL A 232 23.46 -24.14 -13.00
C VAL A 232 24.38 -24.36 -11.81
N GLU A 233 23.86 -25.01 -10.77
CA GLU A 233 24.67 -25.57 -9.71
C GLU A 233 25.19 -26.95 -10.10
N PHE A 234 26.50 -27.14 -9.97
CA PHE A 234 27.11 -28.46 -9.91
C PHE A 234 27.57 -28.71 -8.48
N GLU A 235 27.05 -29.76 -7.85
CA GLU A 235 27.43 -30.12 -6.50
C GLU A 235 28.90 -30.54 -6.45
N PRO A 236 29.49 -30.61 -5.26
CA PRO A 236 30.80 -31.23 -5.13
C PRO A 236 30.79 -32.67 -5.59
N PRO A 237 31.71 -33.05 -6.46
CA PRO A 237 31.63 -34.37 -7.09
C PRO A 237 31.81 -35.48 -6.06
N HIS A 238 30.93 -36.47 -6.15
CA HIS A 238 31.10 -37.70 -5.39
C HIS A 238 31.92 -38.69 -6.21
N ALA A 239 31.83 -39.98 -5.87
CA ALA A 239 32.64 -41.01 -6.51
C ALA A 239 32.49 -41.00 -8.01
N ALA A 240 31.27 -41.13 -8.49
CA ALA A 240 31.00 -41.14 -9.93
C ALA A 240 29.70 -40.43 -10.26
N THR A 241 29.24 -39.52 -9.42
CA THR A 241 28.00 -38.80 -9.66
C THR A 241 28.19 -37.34 -9.31
N ILE A 242 27.62 -36.47 -10.14
CA ILE A 242 27.45 -35.06 -9.82
C ILE A 242 25.98 -34.73 -10.03
N LYS A 243 25.27 -34.46 -8.95
CA LYS A 243 23.92 -33.93 -9.07
C LYS A 243 23.96 -32.50 -9.57
N VAL A 244 23.35 -32.25 -10.73
CA VAL A 244 23.23 -30.93 -11.30
C VAL A 244 21.81 -30.43 -11.13
N LEU A 245 21.67 -29.16 -10.75
CA LEU A 245 20.38 -28.57 -10.43
C LEU A 245 20.26 -27.16 -11.00
N ALA A 246 19.08 -26.84 -11.53
CA ALA A 246 18.77 -25.46 -11.90
C ALA A 246 18.49 -24.60 -10.69
N LEU A 247 18.92 -23.35 -10.75
CA LEU A 247 18.87 -22.42 -9.63
C LEU A 247 17.50 -21.78 -9.40
N GLY A 248 16.48 -22.16 -10.16
CA GLY A 248 15.14 -21.66 -9.93
C GLY A 248 14.85 -20.31 -10.57
N ASN A 249 13.57 -19.94 -10.52
CA ASN A 249 13.07 -18.78 -11.24
C ASN A 249 13.55 -17.50 -10.58
N GLN A 250 14.27 -16.68 -11.33
CA GLN A 250 14.88 -15.46 -10.86
C GLN A 250 14.09 -14.22 -11.18
N GLU A 251 12.83 -14.37 -11.64
CA GLU A 251 11.98 -13.22 -11.89
C GLU A 251 11.95 -12.24 -10.73
N GLY A 252 11.81 -12.76 -9.51
CA GLY A 252 11.59 -11.89 -8.37
C GLY A 252 12.82 -11.11 -7.94
N SER A 253 13.99 -11.72 -8.05
CA SER A 253 15.22 -10.99 -7.75
C SER A 253 15.47 -9.93 -8.81
N LEU A 254 15.20 -10.26 -10.07
CA LEU A 254 15.42 -9.31 -11.15
C LEU A 254 14.50 -8.11 -11.05
N LYS A 255 13.22 -8.33 -10.77
CA LYS A 255 12.31 -7.23 -10.51
C LYS A 255 12.79 -6.36 -9.36
N THR A 256 13.26 -6.97 -8.27
CA THR A 256 13.73 -6.19 -7.13
C THR A 256 14.77 -5.15 -7.51
N ALA A 257 15.73 -5.51 -8.34
CA ALA A 257 16.72 -4.53 -8.80
C ALA A 257 16.10 -3.44 -9.66
N LEU A 258 15.16 -3.78 -10.52
CA LEU A 258 14.56 -2.82 -11.43
C LEU A 258 13.69 -1.76 -10.76
N THR A 259 13.30 -1.95 -9.50
CA THR A 259 12.37 -1.04 -8.84
C THR A 259 12.76 0.43 -8.95
N GLY A 260 14.04 0.74 -9.00
CA GLY A 260 14.44 2.13 -9.11
C GLY A 260 14.28 2.77 -10.48
N ALA A 261 13.95 2.01 -11.51
CA ALA A 261 14.06 2.50 -12.87
C ALA A 261 12.86 3.33 -13.30
N MET A 262 13.05 4.08 -14.38
CA MET A 262 11.95 4.73 -15.07
C MET A 262 11.12 3.71 -15.82
N ARG A 263 9.81 3.78 -15.66
CA ARG A 263 8.91 2.79 -16.24
C ARG A 263 8.68 3.00 -17.73
N VAL A 264 8.34 1.91 -18.41
CA VAL A 264 7.97 1.91 -19.82
C VAL A 264 6.68 1.12 -19.97
N THR A 265 5.73 1.68 -20.70
CA THR A 265 4.41 1.08 -20.89
C THR A 265 4.22 0.80 -22.37
N LYS A 266 3.93 -0.45 -22.70
CA LYS A 266 3.72 -0.84 -24.08
C LYS A 266 2.31 -0.49 -24.53
N ASP A 267 2.21 0.15 -25.70
CA ASP A 267 0.93 0.67 -26.17
C ASP A 267 -0.03 -0.48 -26.44
N THR A 268 -1.28 -0.29 -26.02
CA THR A 268 -2.27 -1.36 -26.08
C THR A 268 -2.62 -1.76 -27.51
N ASN A 269 -2.43 -0.89 -28.49
CA ASN A 269 -2.98 -1.17 -29.82
C ASN A 269 -1.96 -0.98 -30.92
N ASN A 270 -1.20 0.12 -30.87
CA ASN A 270 -0.06 0.31 -31.77
C ASN A 270 1.13 -0.47 -31.21
N SER A 271 0.97 -1.79 -31.23
CA SER A 271 1.67 -2.74 -30.38
C SER A 271 3.16 -2.48 -30.20
N LYS A 272 3.83 -2.05 -31.24
CA LYS A 272 5.27 -1.86 -31.15
C LYS A 272 5.68 -0.50 -30.58
N LEU A 273 4.73 0.34 -30.17
CA LEU A 273 5.09 1.56 -29.46
C LEU A 273 5.43 1.28 -28.00
N TYR A 274 6.47 1.93 -27.51
CA TYR A 274 6.89 1.85 -26.12
C TYR A 274 6.90 3.27 -25.53
N LYS A 275 5.90 3.59 -24.72
CA LYS A 275 5.82 4.90 -24.07
C LYS A 275 6.80 4.99 -22.91
N LEU A 276 7.61 6.04 -22.90
CA LEU A 276 8.70 6.19 -21.96
C LEU A 276 8.47 7.42 -21.08
N HIS A 277 8.27 7.18 -19.79
CA HIS A 277 7.93 8.21 -18.82
C HIS A 277 9.13 9.06 -18.44
N GLY A 278 8.88 10.07 -17.62
CA GLY A 278 9.92 10.88 -17.00
C GLY A 278 10.66 11.89 -17.85
N GLY A 279 10.78 11.63 -19.14
CA GLY A 279 11.51 12.55 -19.99
C GLY A 279 10.90 13.92 -20.13
N HIS A 280 11.65 14.97 -19.85
CA HIS A 280 11.13 16.32 -19.94
C HIS A 280 11.40 16.93 -21.32
N VAL A 281 11.06 18.21 -21.48
CA VAL A 281 11.33 18.97 -22.70
C VAL A 281 11.45 20.44 -22.34
N ALA A 282 12.19 21.18 -23.16
CA ALA A 282 12.18 22.65 -23.12
C ALA A 282 11.55 23.20 -24.39
N CYS A 283 10.65 24.16 -24.23
CA CYS A 283 9.94 24.76 -25.36
C CYS A 283 9.97 26.27 -25.24
N ARG A 284 9.85 26.96 -26.38
CA ARG A 284 9.71 28.40 -26.42
C ARG A 284 8.50 28.78 -27.28
N VAL A 285 7.72 29.76 -26.82
CA VAL A 285 6.38 30.01 -27.33
C VAL A 285 6.36 31.33 -28.09
N LYS A 286 6.02 31.26 -29.38
CA LYS A 286 5.76 32.45 -30.20
C LYS A 286 4.33 32.94 -29.94
N LEU A 287 4.18 33.67 -28.84
CA LEU A 287 2.87 34.22 -28.48
C LEU A 287 2.42 35.34 -29.40
N SER A 288 3.33 35.95 -30.15
CA SER A 288 3.02 37.17 -30.87
C SER A 288 1.88 37.03 -31.89
N ALA A 289 1.61 35.84 -32.39
CA ALA A 289 0.69 35.70 -33.49
C ALA A 289 -0.73 35.36 -33.07
N LEU A 290 -0.97 35.29 -31.76
CA LEU A 290 -2.32 35.12 -31.22
C LEU A 290 -3.03 36.47 -31.10
N THR A 291 -4.35 36.41 -31.13
CA THR A 291 -5.19 37.60 -31.03
C THR A 291 -6.43 37.25 -30.22
N LEU A 292 -6.99 38.26 -29.57
CA LEU A 292 -8.31 38.09 -28.99
C LEU A 292 -9.38 38.17 -30.06
N LYS A 293 -10.44 37.40 -29.87
CA LYS A 293 -11.65 37.50 -30.66
C LYS A 293 -12.61 38.52 -30.07
N GLY A 294 -13.36 39.18 -30.95
CA GLY A 294 -14.52 39.96 -30.54
C GLY A 294 -14.24 41.09 -29.58
N THR A 295 -13.07 41.73 -29.69
CA THR A 295 -12.76 42.85 -28.82
C THR A 295 -13.79 43.97 -28.94
N SER A 296 -14.43 44.11 -30.09
CA SER A 296 -15.32 45.22 -30.37
C SER A 296 -16.81 44.88 -30.25
N TYR A 297 -17.17 43.75 -29.67
CA TYR A 297 -18.57 43.54 -29.36
C TYR A 297 -19.02 44.41 -28.19
N LYS A 298 -20.34 44.56 -28.07
CA LYS A 298 -20.92 45.30 -26.96
C LYS A 298 -20.67 44.58 -25.64
N MET A 299 -20.55 45.35 -24.58
CA MET A 299 -20.53 44.78 -23.24
C MET A 299 -21.94 44.34 -22.87
N CYS A 300 -22.01 43.27 -22.10
CA CYS A 300 -23.29 42.75 -21.59
C CYS A 300 -24.15 43.80 -20.89
N THR A 301 -25.45 43.54 -20.87
CA THR A 301 -26.37 44.25 -20.00
C THR A 301 -27.41 43.36 -19.35
N ASP A 302 -27.66 42.18 -19.89
CA ASP A 302 -28.71 41.29 -19.41
C ASP A 302 -28.44 40.84 -17.98
N LYS A 303 -29.50 40.37 -17.32
CA LYS A 303 -29.45 39.84 -15.95
C LYS A 303 -28.89 38.43 -15.97
N MET A 304 -27.56 38.34 -16.01
CA MET A 304 -26.83 37.09 -16.03
C MET A 304 -27.02 36.28 -14.74
N SER A 305 -26.55 35.03 -14.79
CA SER A 305 -26.65 34.09 -13.68
C SER A 305 -25.47 33.12 -13.69
N PHE A 306 -25.14 32.58 -12.52
CA PHE A 306 -24.13 31.53 -12.42
C PHE A 306 -24.67 30.17 -12.86
N VAL A 307 -23.85 29.43 -13.61
CA VAL A 307 -24.09 28.01 -13.85
C VAL A 307 -23.33 27.15 -12.84
N LYS A 308 -22.16 27.61 -12.41
CA LYS A 308 -21.49 27.08 -11.24
C LYS A 308 -20.76 28.22 -10.58
N ASN A 309 -20.82 28.27 -9.25
CA ASN A 309 -20.08 29.27 -8.51
C ASN A 309 -18.57 29.08 -8.70
N PRO A 310 -17.78 30.11 -8.40
CA PRO A 310 -16.34 29.93 -8.31
C PRO A 310 -15.91 28.84 -7.34
N THR A 311 -14.89 28.07 -7.73
CA THR A 311 -14.35 26.98 -6.93
C THR A 311 -12.82 26.99 -7.00
N ASP A 312 -12.18 26.66 -5.88
CA ASP A 312 -10.73 26.78 -5.74
C ASP A 312 -10.02 25.61 -6.43
N THR A 313 -9.24 25.93 -7.46
CA THR A 313 -8.55 24.89 -8.22
C THR A 313 -7.37 24.30 -7.49
N GLY A 314 -6.90 24.95 -6.44
CA GLY A 314 -5.66 24.61 -5.81
C GLY A 314 -4.45 25.18 -6.48
N HIS A 315 -4.61 25.74 -7.67
CA HIS A 315 -3.55 26.45 -8.36
C HIS A 315 -3.51 27.91 -7.93
N GLY A 316 -4.28 28.27 -6.92
CA GLY A 316 -4.53 29.64 -6.54
C GLY A 316 -5.62 30.33 -7.31
N THR A 317 -6.07 29.76 -8.42
CA THR A 317 -7.12 30.34 -9.25
C THR A 317 -8.50 29.88 -8.80
N ALA A 318 -9.50 30.70 -9.12
CA ALA A 318 -10.92 30.32 -9.06
C ALA A 318 -11.47 30.15 -10.46
N VAL A 319 -12.12 29.01 -10.72
CA VAL A 319 -12.79 28.72 -11.97
C VAL A 319 -14.31 28.77 -11.79
N MET A 320 -14.99 29.43 -12.71
CA MET A 320 -16.41 29.72 -12.58
C MET A 320 -17.09 29.59 -13.93
N GLN A 321 -18.41 29.48 -13.92
CA GLN A 321 -19.18 29.36 -15.15
C GLN A 321 -20.47 30.16 -15.09
N VAL A 322 -20.79 30.85 -16.19
CA VAL A 322 -21.80 31.91 -16.22
C VAL A 322 -22.61 31.77 -17.51
N LYS A 323 -23.85 32.24 -17.49
CA LYS A 323 -24.63 32.29 -18.72
C LYS A 323 -25.35 33.62 -18.89
N VAL A 324 -25.43 34.06 -20.14
CA VAL A 324 -26.22 35.21 -20.56
C VAL A 324 -27.51 34.67 -21.18
N PRO A 325 -28.65 34.79 -20.50
CA PRO A 325 -29.82 34.02 -20.97
C PRO A 325 -30.45 34.59 -22.22
N LYS A 326 -30.46 35.91 -22.41
CA LYS A 326 -31.13 36.49 -23.58
C LYS A 326 -30.35 37.71 -24.05
N GLY A 327 -29.20 37.47 -24.65
CA GLY A 327 -28.35 38.55 -25.09
C GLY A 327 -27.88 38.31 -26.52
N ALA A 328 -27.43 39.38 -27.12
CA ALA A 328 -26.60 39.35 -28.32
C ALA A 328 -25.26 38.73 -27.97
N PRO A 329 -24.34 38.53 -28.92
CA PRO A 329 -23.00 38.11 -28.54
C PRO A 329 -22.26 39.22 -27.83
N CYS A 330 -22.62 39.41 -26.56
CA CYS A 330 -22.07 40.45 -25.71
C CYS A 330 -20.79 39.99 -25.03
N ARG A 331 -19.92 40.95 -24.74
CA ARG A 331 -18.79 40.73 -23.84
C ARG A 331 -19.23 40.67 -22.38
N ILE A 332 -18.76 39.66 -21.66
CA ILE A 332 -19.10 39.45 -20.24
C ILE A 332 -18.04 40.05 -19.32
N PRO A 333 -18.30 41.17 -18.66
CA PRO A 333 -17.28 41.82 -17.83
C PRO A 333 -17.04 41.13 -16.51
N VAL A 334 -15.77 41.10 -16.10
CA VAL A 334 -15.38 40.44 -14.87
C VAL A 334 -14.26 41.21 -14.22
N MET A 335 -14.25 41.24 -12.90
CA MET A 335 -13.20 41.95 -12.18
C MET A 335 -13.10 41.40 -10.78
N VAL A 336 -11.98 41.69 -10.13
CA VAL A 336 -11.77 41.38 -8.73
C VAL A 336 -11.44 42.68 -8.02
N ALA A 337 -12.07 42.92 -6.88
CA ALA A 337 -11.93 44.18 -6.18
C ALA A 337 -11.87 43.98 -4.68
N ASP A 338 -11.25 44.94 -4.01
CA ASP A 338 -11.16 44.93 -2.56
C ASP A 338 -12.47 45.27 -1.89
N ASP A 339 -13.36 45.98 -2.58
CA ASP A 339 -14.60 46.45 -1.97
C ASP A 339 -15.65 46.65 -3.05
N LEU A 340 -16.91 46.67 -2.62
CA LEU A 340 -18.03 46.80 -3.54
C LEU A 340 -17.90 48.03 -4.42
N THR A 341 -17.20 49.05 -3.96
CA THR A 341 -16.95 50.21 -4.79
C THR A 341 -16.22 49.84 -6.07
N ALA A 342 -15.43 48.77 -6.03
CA ALA A 342 -14.84 48.15 -7.23
C ALA A 342 -14.15 49.18 -8.12
N ALA A 343 -13.57 50.21 -7.50
CA ALA A 343 -13.10 51.36 -8.27
C ALA A 343 -12.05 50.97 -9.30
N VAL A 344 -11.30 49.90 -9.02
CA VAL A 344 -10.42 49.30 -10.02
C VAL A 344 -10.44 47.79 -9.80
N ASN A 345 -10.17 47.05 -10.87
CA ASN A 345 -9.76 45.67 -10.72
C ASN A 345 -8.43 45.57 -10.01
N LYS A 346 -8.32 44.61 -9.10
CA LYS A 346 -7.09 44.35 -8.38
C LYS A 346 -6.62 42.92 -8.57
N GLY A 347 -7.18 42.19 -9.53
CA GLY A 347 -6.80 40.81 -9.76
C GLY A 347 -6.38 40.56 -11.20
N ILE A 348 -5.87 39.36 -11.44
CA ILE A 348 -5.40 38.93 -12.76
C ILE A 348 -6.43 37.99 -13.37
N LEU A 349 -6.78 38.22 -14.62
CA LEU A 349 -7.80 37.47 -15.32
C LEU A 349 -7.16 36.55 -16.33
N VAL A 350 -7.43 35.26 -16.21
CA VAL A 350 -6.84 34.29 -17.14
C VAL A 350 -7.60 34.29 -18.45
N THR A 351 -8.91 34.16 -18.38
CA THR A 351 -9.76 34.37 -19.55
C THR A 351 -9.84 35.86 -19.84
N VAL A 352 -9.44 36.26 -21.04
CA VAL A 352 -9.14 37.66 -21.27
C VAL A 352 -10.30 38.47 -21.82
N ASN A 353 -11.17 37.87 -22.62
CA ASN A 353 -12.33 38.58 -23.16
C ASN A 353 -13.48 37.62 -23.40
N PRO A 354 -14.11 37.14 -22.34
CA PRO A 354 -15.19 36.16 -22.49
C PRO A 354 -16.33 36.72 -23.32
N ILE A 355 -16.82 35.93 -24.27
CA ILE A 355 -17.89 36.35 -25.16
C ILE A 355 -18.95 35.27 -25.21
N ALA A 356 -20.21 35.69 -25.18
CA ALA A 356 -21.34 34.82 -25.49
C ALA A 356 -21.39 34.52 -26.99
N SER A 357 -21.11 33.28 -27.37
CA SER A 357 -21.11 32.94 -28.78
C SER A 357 -22.51 32.81 -29.37
N THR A 358 -23.52 32.60 -28.54
CA THR A 358 -24.90 32.42 -28.98
C THR A 358 -25.83 33.12 -28.01
N ASN A 359 -27.08 33.25 -28.41
CA ASN A 359 -28.05 33.99 -27.61
C ASN A 359 -28.39 33.31 -26.29
N ASP A 360 -28.02 32.05 -26.10
CA ASP A 360 -28.32 31.30 -24.89
C ASP A 360 -27.08 30.90 -24.10
N ASP A 361 -25.92 31.44 -24.45
CA ASP A 361 -24.64 30.78 -24.23
C ASP A 361 -24.20 30.73 -22.77
N GLU A 362 -23.35 29.73 -22.48
CA GLU A 362 -22.77 29.48 -21.16
C GLU A 362 -21.25 29.45 -21.30
N VAL A 363 -20.53 30.14 -20.42
CA VAL A 363 -19.11 30.38 -20.62
C VAL A 363 -18.34 30.12 -19.34
N LEU A 364 -17.07 29.74 -19.49
CA LEU A 364 -16.15 29.50 -18.39
C LEU A 364 -15.16 30.64 -18.21
N ILE A 365 -14.87 30.97 -16.96
CA ILE A 365 -13.97 32.05 -16.57
C ILE A 365 -13.05 31.55 -15.48
N GLU A 366 -11.79 31.95 -15.51
CA GLU A 366 -10.85 31.66 -14.44
C GLU A 366 -10.07 32.90 -14.04
N VAL A 367 -9.92 33.12 -12.74
CA VAL A 367 -9.28 34.31 -12.21
C VAL A 367 -8.32 33.92 -11.10
N ASN A 368 -7.27 34.73 -10.95
CA ASN A 368 -6.27 34.59 -9.89
C ASN A 368 -6.37 35.77 -8.93
N PRO A 369 -7.18 35.68 -7.89
CA PRO A 369 -7.43 36.83 -7.01
C PRO A 369 -6.29 37.06 -6.04
N PRO A 370 -6.09 38.29 -5.61
CA PRO A 370 -5.02 38.59 -4.65
C PRO A 370 -5.27 37.96 -3.30
N PHE A 371 -4.20 37.92 -2.50
CA PHE A 371 -4.31 37.43 -1.14
C PHE A 371 -5.28 38.25 -0.32
N GLY A 372 -5.74 37.64 0.77
CA GLY A 372 -6.79 38.16 1.60
C GLY A 372 -8.16 38.01 0.98
N ASP A 373 -9.13 38.62 1.66
CA ASP A 373 -10.48 38.70 1.14
C ASP A 373 -10.53 39.63 -0.06
N SER A 374 -11.28 39.23 -1.07
CA SER A 374 -11.67 40.15 -2.14
C SER A 374 -12.99 39.70 -2.73
N TYR A 375 -13.74 40.65 -3.26
CA TYR A 375 -14.98 40.40 -3.98
C TYR A 375 -14.71 40.09 -5.46
N ILE A 376 -15.06 38.90 -5.90
CA ILE A 376 -15.18 38.61 -7.32
C ILE A 376 -16.46 39.21 -7.84
N ILE A 377 -16.38 39.97 -8.93
CA ILE A 377 -17.54 40.61 -9.53
C ILE A 377 -17.62 40.25 -10.99
N VAL A 378 -18.80 39.83 -11.44
CA VAL A 378 -19.06 39.58 -12.84
C VAL A 378 -20.39 40.21 -13.20
N GLY A 379 -20.45 40.82 -14.38
CA GLY A 379 -21.60 41.62 -14.77
C GLY A 379 -21.67 43.00 -14.16
N ARG A 380 -20.56 43.73 -14.27
CA ARG A 380 -20.50 45.12 -13.84
C ARG A 380 -21.68 45.90 -14.39
N GLY A 381 -22.37 46.61 -13.52
CA GLY A 381 -23.64 47.19 -13.83
C GLY A 381 -24.49 47.32 -12.58
N ASP A 382 -25.80 47.47 -12.78
CA ASP A 382 -26.74 47.37 -11.67
C ASP A 382 -26.93 45.93 -11.24
N SER A 383 -27.17 45.04 -12.19
CA SER A 383 -27.44 43.64 -11.88
C SER A 383 -26.17 42.83 -11.68
N ARG A 384 -25.23 43.36 -10.91
CA ARG A 384 -23.98 42.66 -10.67
C ARG A 384 -24.23 41.32 -10.01
N LEU A 385 -23.38 40.37 -10.32
CA LEU A 385 -23.14 39.19 -9.52
C LEU A 385 -21.90 39.42 -8.67
N THR A 386 -21.89 38.84 -7.47
CA THR A 386 -20.65 38.80 -6.71
C THR A 386 -20.53 37.53 -5.89
N TYR A 387 -19.29 37.17 -5.58
CA TYR A 387 -18.95 36.14 -4.62
C TYR A 387 -17.81 36.68 -3.77
N GLN A 388 -17.98 36.68 -2.45
CA GLN A 388 -16.93 37.14 -1.56
C GLN A 388 -15.88 36.05 -1.42
N TRP A 389 -14.82 36.15 -2.21
CA TRP A 389 -13.74 35.18 -2.22
C TRP A 389 -12.73 35.45 -1.12
N HIS A 390 -11.95 34.41 -0.80
CA HIS A 390 -10.80 34.54 0.08
C HIS A 390 -9.73 33.56 -0.37
N LYS A 391 -8.47 33.92 -0.15
CA LYS A 391 -7.34 33.23 -0.77
C LYS A 391 -7.43 31.71 -0.67
N ALA B 1 37.19 -52.89 6.11
CA ALA B 1 37.67 -51.62 6.62
C ALA B 1 37.24 -50.50 5.71
N HIS B 2 35.97 -50.10 5.80
CA HIS B 2 35.42 -49.19 4.82
C HIS B 2 36.07 -47.83 4.90
N CYS B 3 36.76 -47.53 5.98
CA CYS B 3 37.38 -46.24 6.15
C CYS B 3 38.68 -46.11 5.40
N ILE B 4 39.18 -47.18 4.80
CA ILE B 4 40.20 -47.05 3.78
C ILE B 4 39.68 -46.23 2.61
N GLY B 5 38.38 -46.27 2.38
CA GLY B 5 37.78 -45.61 1.24
C GLY B 5 37.14 -44.27 1.51
N ILE B 6 37.24 -43.75 2.72
CA ILE B 6 36.71 -42.44 3.07
C ILE B 6 37.86 -41.46 3.24
N THR B 7 37.77 -40.32 2.57
CA THR B 7 38.88 -39.39 2.45
C THR B 7 39.15 -38.57 3.71
N ASP B 8 38.25 -38.55 4.68
CA ASP B 8 38.51 -37.88 5.96
C ASP B 8 38.45 -38.92 7.07
N ARG B 9 39.62 -39.34 7.55
CA ARG B 9 39.74 -40.42 8.52
C ARG B 9 40.63 -39.98 9.68
N ASP B 10 40.19 -40.29 10.90
CA ASP B 10 40.94 -40.04 12.11
C ASP B 10 41.31 -41.35 12.80
N PHE B 11 42.44 -41.34 13.48
CA PHE B 11 42.88 -42.47 14.29
C PHE B 11 42.79 -42.12 15.77
N ILE B 12 42.30 -43.06 16.58
CA ILE B 12 42.19 -42.91 18.03
C ILE B 12 42.77 -44.17 18.68
N GLU B 13 43.59 -43.99 19.72
CA GLU B 13 44.19 -45.12 20.43
C GLU B 13 43.78 -45.16 21.89
N GLY B 14 43.23 -46.29 22.31
CA GLY B 14 42.88 -46.48 23.71
C GLY B 14 44.08 -46.78 24.59
N VAL B 15 44.01 -46.32 25.84
CA VAL B 15 45.17 -46.34 26.72
C VAL B 15 45.70 -47.76 26.88
N HIS B 16 44.88 -48.66 27.40
CA HIS B 16 45.21 -50.07 27.41
C HIS B 16 43.94 -50.88 27.61
N GLY B 17 44.00 -52.16 27.23
CA GLY B 17 42.95 -53.12 27.51
C GLY B 17 41.63 -52.88 26.81
N GLY B 18 41.52 -51.87 25.96
CA GLY B 18 40.21 -51.50 25.42
C GLY B 18 39.25 -50.93 26.44
N THR B 19 39.78 -50.25 27.47
CA THR B 19 39.01 -49.96 28.68
C THR B 19 37.74 -49.17 28.38
N TRP B 20 37.88 -47.95 27.84
CA TRP B 20 36.74 -47.16 27.38
C TRP B 20 37.27 -46.02 26.51
N VAL B 21 36.63 -45.78 25.35
CA VAL B 21 37.17 -44.90 24.32
C VAL B 21 36.06 -43.99 23.79
N SER B 22 36.45 -42.80 23.33
CA SER B 22 35.51 -41.78 22.91
C SER B 22 35.82 -41.28 21.50
N ALA B 23 34.77 -40.90 20.77
CA ALA B 23 34.89 -40.38 19.42
C ALA B 23 33.77 -39.40 19.14
N THR B 24 34.00 -38.50 18.19
CA THR B 24 32.94 -37.71 17.58
C THR B 24 32.81 -38.08 16.11
N LEU B 25 31.62 -38.50 15.71
CA LEU B 25 31.34 -38.92 14.34
C LEU B 25 30.62 -37.82 13.57
N GLU B 26 31.06 -37.57 12.35
CA GLU B 26 30.44 -36.59 11.46
C GLU B 26 30.22 -37.24 10.11
N GLN B 27 29.12 -36.86 9.43
CA GLN B 27 28.60 -37.68 8.33
C GLN B 27 29.60 -37.93 7.22
N ASP B 28 30.47 -36.99 6.94
CA ASP B 28 31.42 -37.19 5.86
C ASP B 28 32.62 -38.04 6.25
N LYS B 29 32.75 -38.44 7.51
CA LYS B 29 34.03 -38.84 8.08
C LYS B 29 33.93 -40.19 8.76
N CYS B 30 35.09 -40.77 9.07
CA CYS B 30 35.19 -42.04 9.77
C CYS B 30 36.30 -42.00 10.83
N VAL B 31 36.12 -42.78 11.88
CA VAL B 31 37.14 -43.01 12.91
C VAL B 31 37.57 -44.46 12.90
N THR B 32 38.88 -44.70 12.87
CA THR B 32 39.46 -46.01 13.15
C THR B 32 40.03 -46.03 14.56
N VAL B 33 39.58 -46.99 15.36
CA VAL B 33 39.88 -47.08 16.78
C VAL B 33 40.84 -48.23 17.02
N MET B 34 41.91 -47.97 17.75
CA MET B 34 42.94 -48.96 18.00
C MET B 34 43.13 -49.15 19.50
N ALA B 35 43.56 -50.35 19.87
CA ALA B 35 43.94 -50.67 21.24
C ALA B 35 45.07 -51.68 21.18
N PRO B 36 45.83 -51.85 22.27
CA PRO B 36 47.12 -52.51 22.14
C PRO B 36 47.05 -53.97 21.73
N ASP B 37 46.00 -54.69 22.11
CA ASP B 37 45.98 -56.11 21.77
C ASP B 37 44.62 -56.56 21.27
N LYS B 38 43.88 -55.68 20.60
CA LYS B 38 42.53 -55.98 20.18
C LYS B 38 42.28 -55.46 18.77
N PRO B 39 41.41 -56.12 18.02
CA PRO B 39 41.21 -55.76 16.62
C PRO B 39 40.62 -54.37 16.45
N SER B 40 41.12 -53.66 15.45
CA SER B 40 40.71 -52.29 15.19
C SER B 40 39.29 -52.21 14.63
N LEU B 41 38.55 -51.20 15.09
CA LEU B 41 37.13 -51.03 14.77
C LEU B 41 36.93 -49.73 13.98
N ASP B 42 36.31 -49.85 12.81
CA ASP B 42 35.90 -48.70 12.00
C ASP B 42 34.47 -48.27 12.30
N ILE B 43 34.26 -46.98 12.58
CA ILE B 43 32.96 -46.43 12.94
C ILE B 43 32.69 -45.16 12.12
N SER B 44 31.50 -45.05 11.54
CA SER B 44 31.07 -43.82 10.86
C SER B 44 29.56 -43.65 10.93
N LEU B 45 29.10 -42.40 10.83
CA LEU B 45 27.68 -42.03 10.86
C LEU B 45 27.08 -42.09 9.46
N GLU B 46 26.16 -43.00 9.24
CA GLU B 46 25.56 -43.19 7.93
C GLU B 46 24.51 -42.14 7.59
N THR B 47 23.51 -41.95 8.45
CA THR B 47 22.48 -40.94 8.20
C THR B 47 21.82 -40.54 9.51
N VAL B 48 21.18 -39.37 9.49
CA VAL B 48 20.33 -38.90 10.57
C VAL B 48 18.93 -38.70 10.00
N ALA B 49 18.03 -39.65 10.27
CA ALA B 49 16.70 -39.65 9.66
C ALA B 49 15.65 -39.12 10.62
N ILE B 50 14.81 -38.21 10.13
CA ILE B 50 13.64 -37.70 10.84
C ILE B 50 12.40 -38.33 10.22
N ASP B 51 11.50 -38.85 11.06
CA ASP B 51 10.39 -39.67 10.58
C ASP B 51 9.05 -39.02 10.89
N GLY B 52 8.24 -38.83 9.85
CA GLY B 52 6.86 -38.38 9.96
C GLY B 52 6.55 -37.03 10.56
N PRO B 53 7.13 -35.97 10.02
CA PRO B 53 6.65 -34.62 10.34
C PRO B 53 5.17 -34.38 10.10
N ALA B 54 4.65 -33.25 10.60
CA ALA B 54 3.29 -32.77 10.33
C ALA B 54 3.34 -31.33 9.85
N GLU B 55 2.45 -30.98 8.92
CA GLU B 55 2.44 -29.66 8.29
C GLU B 55 2.10 -28.53 9.25
N ALA B 56 2.83 -27.43 9.13
CA ALA B 56 2.59 -26.22 9.91
C ALA B 56 2.08 -25.07 9.06
N ARG B 57 2.76 -24.75 7.96
CA ARG B 57 2.41 -23.64 7.09
C ARG B 57 2.74 -24.02 5.67
N LYS B 58 2.02 -23.42 4.73
CA LYS B 58 2.48 -23.27 3.36
C LYS B 58 2.74 -21.79 3.09
N VAL B 59 3.90 -21.47 2.50
CA VAL B 59 4.24 -20.10 2.13
C VAL B 59 4.27 -19.98 0.61
N CYS B 60 3.48 -19.06 0.05
CA CYS B 60 3.33 -18.91 -1.38
C CYS B 60 4.38 -17.96 -1.95
N TYR B 61 5.18 -18.45 -2.88
CA TYR B 61 6.18 -17.65 -3.58
C TYR B 61 5.77 -17.18 -4.98
N SER B 62 4.59 -17.54 -5.49
CA SER B 62 4.18 -17.02 -6.79
C SER B 62 2.66 -17.04 -6.89
N ALA B 63 2.04 -15.87 -6.75
CA ALA B 63 0.60 -15.72 -6.83
C ALA B 63 0.17 -15.20 -8.18
N VAL B 64 -0.86 -15.83 -8.76
CA VAL B 64 -1.52 -15.33 -9.96
C VAL B 64 -2.79 -14.59 -9.55
N LEU B 65 -2.92 -13.35 -9.99
CA LEU B 65 -3.91 -12.42 -9.49
C LEU B 65 -4.93 -12.09 -10.57
N THR B 66 -6.21 -12.36 -10.31
CA THR B 66 -7.21 -12.43 -11.37
C THR B 66 -8.46 -11.59 -11.06
N ASN B 67 -9.21 -11.30 -12.12
CA ASN B 67 -10.54 -10.66 -12.11
C ASN B 67 -10.59 -9.38 -11.28
N VAL B 68 -9.63 -8.48 -11.55
CA VAL B 68 -9.52 -7.18 -10.88
C VAL B 68 -10.78 -6.33 -11.04
N LYS B 69 -11.23 -5.71 -9.94
CA LYS B 69 -12.35 -4.77 -9.94
C LYS B 69 -12.00 -3.47 -9.20
N ILE B 70 -12.50 -2.34 -9.71
CA ILE B 70 -12.24 -1.01 -9.14
C ILE B 70 -13.56 -0.27 -8.97
N ASN B 71 -13.70 0.47 -7.85
CA ASN B 71 -14.77 1.45 -7.71
C ASN B 71 -14.26 2.73 -7.06
N ASP B 72 -14.78 3.87 -7.52
CA ASP B 72 -14.28 5.19 -7.14
C ASP B 72 -15.44 6.17 -7.03
N LYS B 73 -15.36 7.11 -6.09
CA LYS B 73 -16.44 8.06 -5.83
C LYS B 73 -15.94 9.50 -5.77
N CYS B 74 -16.81 10.41 -6.23
CA CYS B 74 -16.48 11.81 -6.45
C CYS B 74 -16.03 12.50 -5.15
N PRO B 75 -15.17 13.51 -5.27
CA PRO B 75 -14.38 13.98 -4.13
C PRO B 75 -15.09 14.54 -2.90
N SER B 76 -16.41 14.59 -2.89
CA SER B 76 -17.10 14.81 -1.63
C SER B 76 -18.44 14.10 -1.60
N THR B 77 -18.48 12.89 -2.15
CA THR B 77 -19.72 12.12 -2.22
C THR B 77 -19.56 10.79 -1.50
N GLY B 78 -19.05 10.84 -0.27
CA GLY B 78 -18.88 9.64 0.54
C GLY B 78 -17.72 8.75 0.09
N GLU B 79 -17.73 7.53 0.60
CA GLU B 79 -16.57 6.64 0.51
C GLU B 79 -16.92 5.34 -0.20
N ALA B 80 -15.92 4.79 -0.87
CA ALA B 80 -16.09 3.73 -1.86
C ALA B 80 -16.51 2.41 -1.23
N HIS B 81 -16.95 1.49 -2.08
CA HIS B 81 -17.49 0.20 -1.68
C HIS B 81 -17.33 -0.79 -2.81
N LEU B 82 -16.95 -2.02 -2.48
CA LEU B 82 -17.07 -3.17 -3.36
C LEU B 82 -17.56 -4.35 -2.56
N GLU B 83 -18.50 -5.11 -3.10
CA GLU B 83 -18.91 -6.34 -2.43
C GLU B 83 -17.77 -7.33 -2.26
N GLU B 84 -16.84 -7.36 -3.21
CA GLU B 84 -15.73 -8.31 -3.17
C GLU B 84 -14.90 -8.22 -1.90
N GLU B 85 -14.95 -7.09 -1.20
CA GLU B 85 -14.19 -6.93 0.03
C GLU B 85 -14.72 -7.77 1.18
N ASN B 86 -15.91 -8.32 1.06
CA ASN B 86 -16.44 -9.22 2.08
C ASN B 86 -15.78 -10.58 2.07
N GLU B 87 -15.00 -10.88 1.04
CA GLU B 87 -14.50 -12.22 0.77
C GLU B 87 -13.02 -12.27 1.08
N GLY B 88 -12.61 -13.24 1.89
CA GLY B 88 -11.26 -13.32 2.40
C GLY B 88 -10.19 -13.63 1.38
N ASP B 89 -10.56 -14.02 0.16
CA ASP B 89 -9.59 -14.36 -0.85
C ASP B 89 -9.32 -13.25 -1.85
N ASN B 90 -9.90 -12.07 -1.67
CA ASN B 90 -9.58 -10.90 -2.48
C ASN B 90 -8.70 -9.92 -1.70
N ALA B 91 -7.59 -9.50 -2.31
CA ALA B 91 -6.54 -8.70 -1.68
C ALA B 91 -6.78 -7.18 -1.76
N CYS B 92 -7.98 -6.74 -1.42
CA CYS B 92 -8.46 -5.41 -1.75
C CYS B 92 -7.70 -4.31 -1.00
N LYS B 93 -7.48 -3.16 -1.66
CA LYS B 93 -6.84 -1.98 -1.07
C LYS B 93 -7.66 -0.72 -1.31
N ARG B 94 -7.59 0.21 -0.36
CA ARG B 94 -8.45 1.39 -0.29
C ARG B 94 -7.61 2.64 -0.08
N THR B 95 -7.89 3.69 -0.87
CA THR B 95 -7.05 4.89 -0.87
C THR B 95 -7.85 6.06 -1.46
N TYR B 96 -7.15 7.17 -1.72
CA TYR B 96 -7.71 8.39 -2.27
C TYR B 96 -7.01 8.82 -3.56
N SER B 97 -7.74 9.53 -4.41
CA SER B 97 -7.29 9.94 -5.73
C SER B 97 -7.59 11.42 -5.96
N ASP B 98 -6.65 12.13 -6.60
CA ASP B 98 -6.88 13.49 -7.07
C ASP B 98 -8.03 13.54 -8.07
N ARG B 99 -8.97 14.45 -7.83
CA ARG B 99 -10.10 14.65 -8.72
C ARG B 99 -10.37 16.14 -8.87
N GLY B 100 -11.14 16.47 -9.90
CA GLY B 100 -11.34 17.87 -10.27
C GLY B 100 -12.41 17.99 -11.31
N TRP B 101 -12.69 19.24 -11.69
CA TRP B 101 -13.91 19.56 -12.43
C TRP B 101 -13.91 18.92 -13.81
N GLY B 102 -12.75 18.62 -14.35
CA GLY B 102 -12.57 17.88 -15.57
C GLY B 102 -12.58 16.38 -15.45
N ASN B 103 -12.96 15.84 -14.30
CA ASN B 103 -12.87 14.41 -14.05
C ASN B 103 -14.08 13.94 -13.28
N GLY B 104 -15.24 14.48 -13.62
CA GLY B 104 -16.49 13.93 -13.16
C GLY B 104 -17.02 14.43 -11.84
N CYS B 105 -16.69 15.65 -11.42
CA CYS B 105 -17.23 16.17 -10.17
C CYS B 105 -17.26 17.67 -10.19
N GLY B 106 -18.04 18.23 -9.27
CA GLY B 106 -18.09 19.65 -9.02
C GLY B 106 -17.04 20.22 -8.11
N LEU B 107 -16.16 19.39 -7.58
CA LEU B 107 -15.22 19.84 -6.55
C LEU B 107 -13.85 19.30 -6.85
N PHE B 108 -12.87 19.90 -6.21
CA PHE B 108 -11.46 19.65 -6.46
C PHE B 108 -10.77 18.97 -5.29
N GLY B 109 -11.52 18.40 -4.36
CA GLY B 109 -10.92 17.61 -3.29
C GLY B 109 -10.38 16.28 -3.75
N LYS B 110 -10.28 15.31 -2.85
CA LYS B 110 -9.82 13.97 -3.18
C LYS B 110 -10.94 12.94 -3.12
N GLY B 111 -11.09 12.18 -4.20
CA GLY B 111 -12.07 11.10 -4.27
C GLY B 111 -11.54 9.77 -3.77
N SER B 112 -12.35 9.08 -2.96
CA SER B 112 -12.03 7.74 -2.47
C SER B 112 -12.10 6.68 -3.56
N ILE B 113 -11.15 5.74 -3.53
CA ILE B 113 -11.06 4.66 -4.52
C ILE B 113 -10.64 3.36 -3.85
N VAL B 114 -11.20 2.24 -4.31
CA VAL B 114 -10.93 0.91 -3.76
C VAL B 114 -10.82 -0.10 -4.90
N ALA B 115 -9.87 -1.05 -4.78
CA ALA B 115 -9.66 -2.07 -5.81
C ALA B 115 -9.36 -3.45 -5.23
N CYS B 116 -10.04 -4.48 -5.75
CA CYS B 116 -9.98 -5.84 -5.22
C CYS B 116 -9.60 -6.84 -6.33
N ALA B 117 -8.82 -7.88 -5.98
CA ALA B 117 -8.52 -8.94 -6.94
C ALA B 117 -8.23 -10.26 -6.23
N LYS B 118 -8.52 -11.37 -6.89
CA LYS B 118 -8.47 -12.70 -6.28
C LYS B 118 -7.07 -13.30 -6.28
N PHE B 119 -6.52 -13.53 -5.09
CA PHE B 119 -5.19 -14.09 -4.84
C PHE B 119 -5.22 -15.62 -4.92
N THR B 120 -4.71 -16.19 -6.00
CA THR B 120 -4.58 -17.64 -6.15
C THR B 120 -3.12 -18.06 -6.06
N CYS B 121 -2.80 -19.01 -5.18
CA CYS B 121 -1.45 -19.54 -5.01
C CYS B 121 -1.07 -20.49 -6.13
N ALA B 122 -0.12 -20.09 -6.97
CA ALA B 122 0.37 -20.99 -8.01
C ALA B 122 1.36 -22.00 -7.47
N LYS B 123 2.29 -21.58 -6.62
CA LYS B 123 3.24 -22.49 -6.01
C LYS B 123 3.48 -22.07 -4.57
N SER B 124 3.69 -23.06 -3.70
CA SER B 124 3.97 -22.77 -2.30
C SER B 124 4.93 -23.75 -1.66
N MET B 125 5.62 -23.26 -0.63
CA MET B 125 6.60 -23.99 0.15
C MET B 125 5.98 -24.57 1.41
N SER B 126 6.28 -25.83 1.70
CA SER B 126 5.71 -26.50 2.86
C SER B 126 6.69 -26.51 4.02
N LEU B 127 6.25 -26.03 5.18
CA LEU B 127 7.01 -26.08 6.41
C LEU B 127 6.46 -27.16 7.32
N PHE B 128 7.32 -28.03 7.85
CA PHE B 128 6.89 -29.10 8.72
C PHE B 128 7.53 -29.02 10.10
N GLU B 129 6.72 -29.26 11.13
CA GLU B 129 7.20 -29.54 12.48
C GLU B 129 7.88 -30.89 12.55
N VAL B 130 9.06 -30.93 13.18
CA VAL B 130 9.87 -32.14 13.27
C VAL B 130 9.68 -32.79 14.63
N ASP B 131 9.36 -34.08 14.63
CA ASP B 131 9.17 -34.82 15.88
C ASP B 131 10.52 -35.24 16.42
N GLN B 132 11.03 -34.50 17.40
CA GLN B 132 12.33 -34.77 18.00
C GLN B 132 12.36 -36.08 18.77
N THR B 133 11.22 -36.72 19.00
CA THR B 133 11.24 -38.06 19.56
C THR B 133 11.55 -39.13 18.52
N LYS B 134 11.36 -38.85 17.24
CA LYS B 134 11.48 -39.87 16.20
C LYS B 134 12.82 -39.85 15.45
N ILE B 135 13.80 -39.06 15.88
CA ILE B 135 15.09 -39.04 15.20
C ILE B 135 15.83 -40.37 15.38
N GLN B 136 16.33 -40.91 14.27
CA GLN B 136 17.15 -42.11 14.24
C GLN B 136 18.54 -41.79 13.74
N TYR B 137 19.54 -42.18 14.51
CA TYR B 137 20.94 -42.07 14.14
C TYR B 137 21.46 -43.43 13.73
N VAL B 138 22.06 -43.52 12.55
CA VAL B 138 22.53 -44.80 12.01
C VAL B 138 24.05 -44.79 11.96
N ILE B 139 24.67 -45.71 12.69
CA ILE B 139 26.12 -45.88 12.71
C ILE B 139 26.49 -47.16 11.98
N ARG B 140 27.54 -47.11 11.17
CA ARG B 140 28.18 -48.29 10.58
C ARG B 140 29.42 -48.69 11.37
N ALA B 141 29.53 -49.96 11.72
CA ALA B 141 30.69 -50.50 12.42
C ALA B 141 31.20 -51.73 11.71
N GLN B 142 32.52 -51.83 11.53
CA GLN B 142 33.11 -53.10 11.14
C GLN B 142 34.54 -53.18 11.65
N LEU B 143 35.00 -54.40 11.87
CA LEU B 143 36.36 -54.69 12.27
C LEU B 143 37.28 -54.82 11.08
N HIS B 144 38.57 -54.57 11.33
CA HIS B 144 39.64 -54.93 10.42
C HIS B 144 39.97 -56.41 10.58
N VAL B 145 39.09 -57.25 10.06
CA VAL B 145 39.30 -58.69 10.03
C VAL B 145 40.30 -59.08 8.96
N GLY B 146 40.58 -58.18 8.02
CA GLY B 146 41.32 -58.54 6.83
C GLY B 146 40.48 -58.93 5.65
N ALA B 147 39.21 -58.53 5.63
CA ALA B 147 38.33 -58.85 4.53
C ALA B 147 38.64 -58.03 3.29
N LYS B 148 38.51 -58.66 2.12
CA LYS B 148 38.68 -58.00 0.84
C LYS B 148 37.49 -57.09 0.54
N GLN B 149 37.72 -56.06 -0.29
CA GLN B 149 36.77 -54.97 -0.43
C GLN B 149 35.45 -55.41 -1.05
N GLU B 150 35.43 -56.52 -1.77
CA GLU B 150 34.16 -57.05 -2.25
C GLU B 150 33.23 -57.44 -1.11
N ASN B 151 33.77 -57.75 0.06
CA ASN B 151 32.97 -58.26 1.17
C ASN B 151 32.63 -57.22 2.22
N TRP B 152 33.19 -56.01 2.15
CA TRP B 152 32.99 -55.05 3.22
C TRP B 152 31.51 -54.78 3.51
N ASN B 153 30.69 -54.62 2.47
CA ASN B 153 29.27 -54.35 2.68
C ASN B 153 28.50 -55.50 3.29
N THR B 154 28.99 -56.73 3.25
CA THR B 154 28.31 -57.80 3.97
C THR B 154 28.85 -58.02 5.37
N ASP B 155 30.07 -57.59 5.65
CA ASP B 155 30.60 -57.63 7.00
C ASP B 155 30.13 -56.49 7.88
N ILE B 156 29.86 -55.31 7.30
CA ILE B 156 29.45 -54.15 8.08
C ILE B 156 28.21 -54.44 8.91
N LYS B 157 28.22 -53.95 10.15
CA LYS B 157 27.07 -53.96 11.04
C LYS B 157 26.44 -52.58 11.05
N THR B 158 25.13 -52.51 10.91
CA THR B 158 24.37 -51.27 10.99
C THR B 158 23.64 -51.20 12.32
N LEU B 159 23.93 -50.17 13.11
CA LEU B 159 23.30 -49.96 14.41
C LEU B 159 22.46 -48.70 14.40
N LYS B 160 21.21 -48.80 14.84
CA LYS B 160 20.28 -47.68 14.82
C LYS B 160 20.02 -47.18 16.23
N PHE B 161 20.26 -45.90 16.46
CA PHE B 161 20.10 -45.26 17.76
C PHE B 161 18.91 -44.30 17.68
N ASP B 162 17.74 -44.79 18.10
CA ASP B 162 16.65 -43.89 18.44
C ASP B 162 16.85 -43.37 19.85
N ALA B 163 15.88 -42.61 20.33
CA ALA B 163 15.99 -42.03 21.67
C ALA B 163 15.99 -43.09 22.76
N LEU B 164 15.48 -44.29 22.48
CA LEU B 164 15.39 -45.34 23.47
C LEU B 164 16.57 -46.31 23.44
N SER B 165 17.09 -46.63 22.27
CA SER B 165 18.15 -47.61 22.11
C SER B 165 19.53 -47.01 22.35
N GLY B 166 19.72 -46.36 23.49
CA GLY B 166 20.92 -45.59 23.70
C GLY B 166 22.22 -46.38 23.70
N SER B 167 22.17 -47.67 24.03
CA SER B 167 23.36 -48.52 23.96
C SER B 167 23.08 -49.75 23.12
N GLN B 168 24.02 -50.07 22.23
CA GLN B 168 23.85 -51.12 21.24
C GLN B 168 25.10 -51.99 21.22
N GLU B 169 24.89 -53.27 20.97
CA GLU B 169 25.97 -54.25 20.93
C GLU B 169 26.23 -54.66 19.49
N ALA B 170 27.43 -54.38 18.99
CA ALA B 170 27.92 -54.97 17.75
C ALA B 170 28.52 -56.34 18.02
N GLU B 171 27.99 -57.36 17.35
CA GLU B 171 28.54 -58.70 17.42
C GLU B 171 29.27 -59.06 16.14
N PHE B 172 30.41 -59.73 16.29
CA PHE B 172 31.21 -60.19 15.16
C PHE B 172 31.51 -61.67 15.34
N THR B 173 31.54 -62.39 14.24
CA THR B 173 31.82 -63.82 14.29
C THR B 173 33.24 -64.04 14.76
N GLY B 174 33.39 -64.71 15.89
CA GLY B 174 34.70 -65.07 16.40
C GLY B 174 35.48 -63.97 17.08
N TYR B 175 35.34 -62.75 16.63
CA TYR B 175 36.05 -61.61 17.19
C TYR B 175 35.35 -60.98 18.38
N GLY B 176 34.27 -61.58 18.88
CA GLY B 176 33.63 -61.11 20.08
C GLY B 176 32.54 -60.08 19.89
N ARG B 177 32.47 -59.08 20.77
CA ARG B 177 31.43 -58.07 20.66
C ARG B 177 31.94 -56.74 21.16
N ALA B 178 31.33 -55.67 20.67
CA ALA B 178 31.67 -54.30 21.04
C ALA B 178 30.41 -53.52 21.34
N THR B 179 30.46 -52.64 22.34
CA THR B 179 29.32 -51.82 22.74
C THR B 179 29.52 -50.36 22.37
N LEU B 180 28.52 -49.79 21.70
CA LEU B 180 28.49 -48.38 21.39
C LEU B 180 27.42 -47.68 22.20
N GLU B 181 27.79 -46.56 22.82
CA GLU B 181 26.83 -45.56 23.30
C GLU B 181 26.94 -44.31 22.44
N CYS B 182 25.84 -43.88 21.86
CA CYS B 182 25.77 -42.66 21.07
C CYS B 182 24.80 -41.69 21.72
N GLN B 183 25.26 -40.47 21.97
CA GLN B 183 24.56 -39.48 22.78
C GLN B 183 23.67 -38.60 21.91
N VAL B 184 22.60 -39.23 21.41
CA VAL B 184 21.67 -38.59 20.49
C VAL B 184 21.08 -37.29 21.06
N GLN B 185 20.84 -37.25 22.37
CA GLN B 185 20.15 -36.10 22.98
C GLN B 185 20.89 -34.78 22.86
N THR B 186 22.22 -34.80 22.69
CA THR B 186 22.98 -33.56 22.58
C THR B 186 23.48 -33.29 21.16
N ALA B 187 22.98 -34.03 20.16
CA ALA B 187 23.54 -33.94 18.82
C ALA B 187 22.99 -32.76 18.02
N VAL B 188 21.71 -32.41 18.15
CA VAL B 188 21.07 -31.39 17.32
C VAL B 188 20.05 -30.61 18.14
N ASP B 189 19.60 -29.47 17.59
CA ASP B 189 18.72 -28.53 18.28
C ASP B 189 17.40 -28.32 17.53
N PHE B 190 16.74 -29.41 17.14
CA PHE B 190 15.62 -29.36 16.20
C PHE B 190 14.39 -28.61 16.68
N SER B 191 14.17 -28.49 17.98
CA SER B 191 12.88 -28.00 18.46
C SER B 191 12.53 -26.61 17.94
N ASN B 192 13.51 -25.73 17.77
CA ASN B 192 13.29 -24.39 17.23
C ASN B 192 13.35 -24.35 15.71
N SER B 193 13.03 -25.44 15.01
CA SER B 193 13.18 -25.45 13.56
C SER B 193 12.05 -26.20 12.87
N TYR B 194 11.93 -25.93 11.56
CA TYR B 194 11.00 -26.60 10.66
C TYR B 194 11.76 -27.18 9.47
N ILE B 195 11.25 -28.27 8.91
CA ILE B 195 11.63 -28.66 7.55
C ILE B 195 10.92 -27.77 6.56
N ALA B 196 11.67 -27.04 5.77
CA ALA B 196 11.13 -26.34 4.60
C ALA B 196 11.30 -27.21 3.37
N GLU B 197 10.20 -27.52 2.70
CA GLU B 197 10.24 -28.30 1.48
C GLU B 197 9.71 -27.49 0.31
N MET B 198 10.54 -27.33 -0.71
CA MET B 198 10.11 -27.01 -2.06
C MET B 198 10.18 -28.28 -2.90
N GLU B 199 9.76 -28.18 -4.15
CA GLU B 199 9.74 -29.37 -4.99
C GLU B 199 11.11 -30.02 -5.13
N LYS B 200 11.25 -31.22 -4.57
CA LYS B 200 12.47 -32.04 -4.61
C LYS B 200 13.69 -31.33 -4.07
N GLU B 201 13.52 -30.33 -3.23
CA GLU B 201 14.63 -29.83 -2.45
C GLU B 201 14.06 -29.39 -1.11
N SER B 202 14.84 -29.58 -0.05
CA SER B 202 14.34 -29.28 1.28
C SER B 202 15.46 -28.84 2.19
N TRP B 203 15.09 -28.09 3.21
CA TRP B 203 15.99 -27.42 4.12
C TRP B 203 15.41 -27.55 5.52
N ILE B 204 16.27 -27.50 6.54
CA ILE B 204 15.81 -27.32 7.90
C ILE B 204 16.07 -25.88 8.33
N VAL B 205 15.03 -25.20 8.81
CA VAL B 205 15.01 -23.75 8.88
C VAL B 205 14.56 -23.28 10.27
N ASP B 206 15.14 -22.17 10.71
CA ASP B 206 14.77 -21.57 12.00
C ASP B 206 13.33 -21.07 11.96
N LYS B 207 12.58 -21.38 13.02
CA LYS B 207 11.16 -21.08 13.03
C LYS B 207 10.89 -19.58 12.99
N GLN B 208 11.69 -18.79 13.72
CA GLN B 208 11.51 -17.35 13.69
C GLN B 208 11.69 -16.80 12.29
N TRP B 209 12.74 -17.23 11.61
CA TRP B 209 12.93 -16.85 10.21
C TRP B 209 11.73 -17.22 9.37
N ALA B 210 11.27 -18.46 9.47
CA ALA B 210 10.19 -18.91 8.62
C ALA B 210 8.91 -18.12 8.85
N GLN B 211 8.67 -17.70 10.09
CA GLN B 211 7.50 -16.90 10.37
C GLN B 211 7.69 -15.42 10.08
N ASP B 212 8.90 -14.92 10.20
CA ASP B 212 9.17 -13.53 9.89
C ASP B 212 9.36 -13.27 8.40
N LEU B 213 9.24 -14.28 7.55
CA LEU B 213 9.23 -14.06 6.12
C LEU B 213 8.12 -13.10 5.75
N THR B 214 8.48 -12.01 5.07
CA THR B 214 7.50 -11.10 4.50
C THR B 214 6.94 -11.68 3.21
N LEU B 215 6.20 -12.79 3.36
CA LEU B 215 5.68 -13.50 2.21
C LEU B 215 4.37 -14.19 2.61
N PRO B 216 3.37 -14.21 1.74
CA PRO B 216 2.02 -14.61 2.15
C PRO B 216 1.89 -16.11 2.40
N TRP B 217 1.10 -16.47 3.41
CA TRP B 217 1.08 -17.82 3.95
C TRP B 217 -0.30 -18.26 4.40
N GLN B 218 -0.42 -19.59 4.55
CA GLN B 218 -1.67 -20.26 4.87
C GLN B 218 -1.43 -21.32 5.94
N SER B 219 -2.45 -21.49 6.79
CA SER B 219 -2.40 -22.50 7.84
C SER B 219 -2.32 -23.91 7.27
N GLY B 220 -1.66 -24.79 8.01
CA GLY B 220 -1.33 -26.11 7.51
C GLY B 220 -2.48 -26.90 6.94
N SER B 221 -3.66 -26.75 7.52
CA SER B 221 -4.85 -27.48 7.07
C SER B 221 -5.62 -26.75 5.98
N GLY B 222 -5.05 -25.69 5.42
CA GLY B 222 -5.73 -24.90 4.41
C GLY B 222 -6.48 -23.72 4.98
N GLY B 223 -7.45 -23.24 4.21
CA GLY B 223 -8.28 -22.14 4.64
C GLY B 223 -8.07 -20.84 3.89
N VAL B 224 -7.37 -19.89 4.51
CA VAL B 224 -7.19 -18.56 3.95
C VAL B 224 -5.71 -18.24 3.87
N TRP B 225 -5.33 -17.47 2.86
CA TRP B 225 -4.00 -16.90 2.76
C TRP B 225 -3.95 -15.55 3.45
N ARG B 226 -3.00 -15.38 4.35
CA ARG B 226 -3.16 -14.43 5.44
C ARG B 226 -2.52 -13.06 5.21
N GLU B 227 -1.54 -12.94 4.34
CA GLU B 227 -0.75 -11.69 4.31
C GLU B 227 -0.48 -11.25 2.87
N MET B 228 -1.54 -11.23 2.08
CA MET B 228 -1.46 -11.06 0.63
C MET B 228 -0.81 -9.77 0.19
N HIS B 229 -0.81 -8.74 1.03
CA HIS B 229 -0.13 -7.49 0.71
C HIS B 229 1.37 -7.65 0.49
N HIS B 230 1.97 -8.77 0.86
CA HIS B 230 3.37 -9.01 0.55
C HIS B 230 3.66 -9.43 -0.89
N LEU B 231 2.66 -9.76 -1.69
CA LEU B 231 2.91 -10.04 -3.10
C LEU B 231 2.12 -9.19 -4.07
N VAL B 232 1.12 -8.45 -3.61
CA VAL B 232 0.24 -7.67 -4.47
C VAL B 232 0.54 -6.19 -4.29
N GLU B 233 0.96 -5.51 -5.36
CA GLU B 233 1.31 -4.10 -5.30
C GLU B 233 0.38 -3.26 -6.14
N PHE B 234 -0.02 -2.11 -5.58
CA PHE B 234 -0.92 -1.18 -6.23
C PHE B 234 -0.18 0.11 -6.61
N GLU B 235 -0.17 0.44 -7.90
CA GLU B 235 0.42 1.68 -8.37
C GLU B 235 -0.47 2.86 -7.98
N PRO B 236 0.13 4.01 -7.66
CA PRO B 236 -0.66 5.16 -7.22
C PRO B 236 -1.75 5.53 -8.21
N PRO B 237 -2.94 5.85 -7.71
CA PRO B 237 -4.11 5.94 -8.59
C PRO B 237 -4.02 7.15 -9.50
N HIS B 238 -4.24 6.91 -10.79
CA HIS B 238 -4.63 7.99 -11.67
C HIS B 238 -6.03 8.44 -11.29
N ALA B 239 -6.57 9.43 -12.01
CA ALA B 239 -7.81 10.06 -11.58
C ALA B 239 -8.91 9.05 -11.34
N ALA B 240 -9.16 8.14 -12.29
CA ALA B 240 -10.29 7.25 -12.21
C ALA B 240 -9.91 5.79 -12.13
N THR B 241 -8.62 5.47 -12.18
CA THR B 241 -8.19 4.09 -12.34
C THR B 241 -7.00 3.81 -11.46
N ILE B 242 -6.89 2.56 -11.03
CA ILE B 242 -5.76 2.05 -10.28
C ILE B 242 -5.38 0.71 -10.88
N LYS B 243 -4.09 0.51 -11.14
CA LYS B 243 -3.60 -0.75 -11.67
C LYS B 243 -2.88 -1.55 -10.60
N VAL B 244 -3.28 -2.80 -10.44
CA VAL B 244 -2.69 -3.75 -9.51
C VAL B 244 -1.86 -4.76 -10.28
N LEU B 245 -0.63 -4.98 -9.81
CA LEU B 245 0.35 -5.83 -10.49
C LEU B 245 0.89 -6.83 -9.48
N ALA B 246 0.99 -8.08 -9.89
CA ALA B 246 1.60 -9.12 -9.07
C ALA B 246 3.12 -9.01 -9.07
N LEU B 247 3.72 -9.09 -7.89
CA LEU B 247 5.15 -9.25 -7.79
C LEU B 247 5.58 -10.61 -8.33
N GLY B 248 6.80 -10.67 -8.82
CA GLY B 248 7.28 -11.85 -9.52
C GLY B 248 7.52 -13.05 -8.61
N ASN B 249 7.79 -14.16 -9.26
CA ASN B 249 8.12 -15.42 -8.59
C ASN B 249 9.39 -15.28 -7.78
N GLN B 250 9.27 -15.49 -6.49
CA GLN B 250 10.34 -15.29 -5.53
C GLN B 250 11.23 -16.51 -5.32
N GLU B 251 11.04 -17.58 -6.08
CA GLU B 251 11.78 -18.82 -5.83
C GLU B 251 13.28 -18.58 -5.71
N GLY B 252 13.85 -17.84 -6.65
CA GLY B 252 15.28 -17.60 -6.59
C GLY B 252 15.70 -16.81 -5.37
N SER B 253 14.87 -15.87 -4.95
CA SER B 253 15.19 -15.10 -3.77
C SER B 253 15.07 -15.95 -2.52
N LEU B 254 14.04 -16.77 -2.45
CA LEU B 254 13.85 -17.66 -1.32
C LEU B 254 15.00 -18.65 -1.19
N LYS B 255 15.40 -19.28 -2.29
CA LYS B 255 16.58 -20.12 -2.28
C LYS B 255 17.84 -19.35 -1.88
N THR B 256 17.97 -18.10 -2.31
CA THR B 256 19.13 -17.31 -1.91
C THR B 256 19.17 -17.08 -0.42
N ALA B 257 18.01 -16.93 0.21
CA ALA B 257 18.00 -16.84 1.66
C ALA B 257 18.38 -18.16 2.30
N LEU B 258 18.08 -19.27 1.64
CA LEU B 258 18.35 -20.60 2.17
C LEU B 258 19.77 -21.07 1.94
N THR B 259 20.62 -20.27 1.30
CA THR B 259 21.98 -20.70 1.02
C THR B 259 22.75 -21.13 2.26
N GLY B 260 22.29 -20.76 3.47
CA GLY B 260 22.94 -21.21 4.68
C GLY B 260 22.37 -22.39 5.45
N ALA B 261 21.20 -22.88 5.07
CA ALA B 261 20.52 -23.91 5.84
C ALA B 261 21.06 -25.30 5.52
N MET B 262 20.94 -26.20 6.48
CA MET B 262 21.32 -27.59 6.29
C MET B 262 20.34 -28.30 5.39
N ARG B 263 20.83 -28.85 4.29
CA ARG B 263 20.00 -29.58 3.35
C ARG B 263 19.52 -30.91 3.91
N VAL B 264 18.33 -31.30 3.48
CA VAL B 264 17.67 -32.54 3.90
C VAL B 264 17.16 -33.23 2.65
N THR B 265 17.41 -34.52 2.52
CA THR B 265 16.95 -35.28 1.36
C THR B 265 15.81 -36.21 1.73
N LYS B 266 14.73 -36.13 0.95
CA LYS B 266 13.57 -36.98 1.13
C LYS B 266 13.81 -38.37 0.55
N ASP B 267 13.42 -39.40 1.31
CA ASP B 267 13.59 -40.78 0.88
C ASP B 267 12.72 -41.10 -0.32
N THR B 268 13.31 -41.80 -1.29
CA THR B 268 12.53 -42.29 -2.42
C THR B 268 11.48 -43.32 -2.01
N ASN B 269 11.71 -44.04 -0.93
CA ASN B 269 10.84 -45.16 -0.60
C ASN B 269 9.78 -44.81 0.44
N ASN B 270 10.19 -44.57 1.68
CA ASN B 270 9.25 -44.22 2.74
C ASN B 270 8.97 -42.74 2.63
N SER B 271 7.81 -42.40 2.09
CA SER B 271 7.50 -41.05 1.65
C SER B 271 7.57 -40.03 2.77
N LYS B 272 7.70 -40.46 4.03
CA LYS B 272 7.79 -39.55 5.15
C LYS B 272 9.13 -39.56 5.87
N LEU B 273 10.13 -40.28 5.39
CA LEU B 273 11.49 -40.21 5.95
C LEU B 273 12.29 -39.08 5.34
N TYR B 274 12.94 -38.30 6.20
CA TYR B 274 13.77 -37.16 5.79
C TYR B 274 15.17 -37.34 6.35
N LYS B 275 16.17 -37.39 5.47
CA LYS B 275 17.56 -37.65 5.87
C LYS B 275 18.35 -36.36 5.91
N LEU B 276 18.79 -35.98 7.10
CA LEU B 276 19.56 -34.76 7.31
C LEU B 276 21.00 -34.95 6.86
N HIS B 277 21.52 -33.98 6.11
CA HIS B 277 22.94 -33.94 5.80
C HIS B 277 23.72 -33.18 6.86
N GLY B 278 24.95 -33.62 7.10
CA GLY B 278 25.88 -32.88 7.93
C GLY B 278 25.69 -32.92 9.42
N GLY B 279 24.89 -33.83 9.96
CA GLY B 279 24.81 -34.00 11.40
C GLY B 279 26.04 -34.66 12.01
N HIS B 280 26.11 -34.64 13.34
CA HIS B 280 27.18 -35.29 14.09
C HIS B 280 26.64 -35.91 15.37
N VAL B 281 27.40 -36.86 15.94
CA VAL B 281 27.01 -37.47 17.21
C VAL B 281 28.23 -37.93 17.98
N ALA B 282 28.26 -37.62 19.27
CA ALA B 282 29.30 -38.09 20.18
C ALA B 282 29.04 -39.53 20.60
N CYS B 283 30.07 -40.36 20.58
CA CYS B 283 29.91 -41.80 20.77
C CYS B 283 31.04 -42.34 21.62
N ARG B 284 30.78 -43.48 22.27
CA ARG B 284 31.75 -44.13 23.13
C ARG B 284 31.80 -45.62 22.83
N VAL B 285 33.02 -46.19 22.81
CA VAL B 285 33.25 -47.55 22.36
C VAL B 285 33.89 -48.34 23.50
N LYS B 286 33.24 -49.42 23.91
CA LYS B 286 33.82 -50.42 24.81
C LYS B 286 34.43 -51.56 24.00
N LEU B 287 35.76 -51.62 23.97
CA LEU B 287 36.48 -52.66 23.26
C LEU B 287 36.75 -53.92 24.07
N SER B 288 36.51 -53.89 25.38
CA SER B 288 37.03 -54.95 26.25
C SER B 288 36.56 -56.35 25.88
N ALA B 289 35.41 -56.49 25.23
CA ALA B 289 34.91 -57.80 24.85
C ALA B 289 35.32 -58.26 23.46
N LEU B 290 36.20 -57.54 22.77
CA LEU B 290 36.76 -58.05 21.52
C LEU B 290 37.93 -58.97 21.76
N THR B 291 38.15 -59.88 20.81
CA THR B 291 39.24 -60.84 20.85
C THR B 291 39.86 -60.95 19.46
N LEU B 292 41.13 -61.32 19.42
CA LEU B 292 41.85 -61.55 18.17
C LEU B 292 41.74 -63.02 17.77
N LYS B 293 41.22 -63.26 16.57
CA LYS B 293 40.68 -64.57 16.23
C LYS B 293 41.74 -65.67 16.20
N GLY B 294 42.97 -65.35 15.88
CA GLY B 294 43.91 -66.42 15.62
C GLY B 294 45.26 -66.36 16.28
N THR B 295 45.34 -65.77 17.45
CA THR B 295 46.59 -65.76 18.20
C THR B 295 47.11 -67.15 18.53
N SER B 296 46.26 -68.15 18.58
CA SER B 296 46.70 -69.52 18.76
C SER B 296 47.36 -70.13 17.53
N TYR B 297 47.26 -69.52 16.35
CA TYR B 297 47.75 -70.11 15.12
C TYR B 297 49.28 -70.12 15.03
N LYS B 298 49.77 -70.94 14.10
CA LYS B 298 51.16 -71.07 13.69
C LYS B 298 51.57 -69.92 12.78
N MET B 299 52.87 -69.74 12.62
CA MET B 299 53.42 -68.80 11.65
C MET B 299 53.41 -69.39 10.24
N CYS B 300 53.18 -68.53 9.26
CA CYS B 300 53.39 -68.90 7.85
C CYS B 300 54.86 -69.03 7.50
N THR B 301 55.14 -69.95 6.59
CA THR B 301 56.50 -70.12 6.09
C THR B 301 56.51 -70.51 4.61
N ASP B 302 55.43 -70.21 3.89
CA ASP B 302 55.20 -70.71 2.54
C ASP B 302 55.30 -69.59 1.52
N LYS B 303 55.06 -69.94 0.26
CA LYS B 303 55.21 -69.04 -0.88
C LYS B 303 53.96 -68.18 -1.09
N MET B 304 53.80 -67.19 -0.22
CA MET B 304 52.79 -66.15 -0.36
C MET B 304 52.99 -65.30 -1.62
N SER B 305 51.95 -64.54 -1.96
CA SER B 305 51.88 -63.71 -3.16
C SER B 305 51.00 -62.48 -2.93
N PHE B 306 51.37 -61.35 -3.55
CA PHE B 306 50.52 -60.16 -3.58
C PHE B 306 49.46 -60.22 -4.67
N VAL B 307 48.19 -60.30 -4.27
CA VAL B 307 47.09 -60.08 -5.21
C VAL B 307 46.92 -58.60 -5.54
N LYS B 308 47.17 -57.71 -4.59
CA LYS B 308 47.30 -56.29 -4.88
C LYS B 308 48.49 -55.74 -4.12
N ASN B 309 49.34 -54.98 -4.81
CA ASN B 309 50.52 -54.44 -4.20
C ASN B 309 50.15 -53.37 -3.18
N PRO B 310 51.06 -53.05 -2.26
CA PRO B 310 50.84 -51.91 -1.39
C PRO B 310 50.59 -50.63 -2.17
N THR B 311 49.49 -49.96 -1.83
CA THR B 311 49.05 -48.75 -2.47
C THR B 311 48.76 -47.70 -1.40
N ASP B 312 49.02 -46.45 -1.75
CA ASP B 312 49.14 -45.34 -0.81
C ASP B 312 47.83 -44.62 -0.63
N THR B 313 46.99 -45.08 0.28
CA THR B 313 45.83 -44.28 0.62
C THR B 313 46.29 -43.03 1.35
N GLY B 314 45.63 -41.93 1.10
CA GLY B 314 46.16 -40.63 1.49
C GLY B 314 46.37 -40.49 2.98
N HIS B 315 45.79 -41.38 3.77
CA HIS B 315 46.01 -41.48 5.20
C HIS B 315 47.44 -41.86 5.54
N GLY B 316 48.25 -42.13 4.53
CA GLY B 316 49.62 -42.51 4.78
C GLY B 316 49.80 -43.94 5.19
N THR B 317 48.80 -44.77 5.01
CA THR B 317 48.86 -46.20 5.28
C THR B 317 48.90 -47.00 3.99
N ALA B 318 49.75 -48.01 3.94
CA ALA B 318 49.86 -48.89 2.80
C ALA B 318 48.89 -50.06 2.93
N VAL B 319 48.06 -50.26 1.89
CA VAL B 319 47.06 -51.33 1.86
C VAL B 319 47.47 -52.37 0.82
N MET B 320 47.47 -53.64 1.22
CA MET B 320 47.85 -54.73 0.34
C MET B 320 46.92 -55.92 0.53
N GLN B 321 46.92 -56.81 -0.45
CA GLN B 321 46.30 -58.14 -0.32
C GLN B 321 47.32 -59.22 -0.55
N VAL B 322 47.40 -60.15 0.41
CA VAL B 322 48.27 -61.31 0.33
C VAL B 322 47.41 -62.55 0.16
N LYS B 323 47.82 -63.43 -0.75
CA LYS B 323 47.22 -64.74 -0.91
C LYS B 323 48.14 -65.78 -0.28
N VAL B 324 47.57 -66.68 0.52
CA VAL B 324 48.35 -67.69 1.23
C VAL B 324 48.03 -69.07 0.69
N PRO B 325 48.74 -69.56 -0.33
CA PRO B 325 48.29 -70.74 -1.05
C PRO B 325 48.60 -72.07 -0.37
N LYS B 326 49.26 -72.10 0.77
CA LYS B 326 49.58 -73.39 1.37
C LYS B 326 49.09 -73.49 2.82
N GLY B 327 49.94 -73.23 3.81
CA GLY B 327 49.54 -73.41 5.19
C GLY B 327 48.36 -72.55 5.58
N ALA B 328 47.24 -73.18 5.90
CA ALA B 328 45.97 -72.48 6.05
C ALA B 328 45.77 -71.88 7.44
N PRO B 329 45.83 -72.65 8.51
CA PRO B 329 45.60 -72.01 9.82
C PRO B 329 46.83 -71.28 10.34
N CYS B 330 47.22 -70.21 9.65
CA CYS B 330 48.52 -69.59 9.85
C CYS B 330 48.43 -68.07 9.89
N ARG B 331 49.40 -67.48 10.57
CA ARG B 331 49.51 -66.03 10.72
C ARG B 331 50.56 -65.46 9.78
N ILE B 332 50.23 -64.36 9.12
CA ILE B 332 51.18 -63.69 8.25
C ILE B 332 52.09 -62.79 9.08
N PRO B 333 53.41 -63.00 9.03
CA PRO B 333 54.33 -61.99 9.55
C PRO B 333 54.37 -60.78 8.64
N VAL B 334 54.12 -59.61 9.19
CA VAL B 334 54.31 -58.35 8.48
C VAL B 334 55.20 -57.46 9.32
N MET B 335 56.19 -56.84 8.69
CA MET B 335 56.91 -55.76 9.35
C MET B 335 57.34 -54.74 8.34
N VAL B 336 57.57 -53.53 8.81
CA VAL B 336 58.19 -52.47 8.04
C VAL B 336 59.55 -52.18 8.65
N ALA B 337 60.60 -52.26 7.84
CA ALA B 337 61.96 -52.19 8.33
C ALA B 337 62.77 -51.15 7.57
N ASP B 338 63.78 -50.63 8.23
CA ASP B 338 64.69 -49.64 7.65
C ASP B 338 65.67 -50.26 6.68
N ASP B 339 65.93 -51.56 6.81
CA ASP B 339 66.84 -52.29 5.96
C ASP B 339 66.33 -53.71 5.87
N LEU B 340 66.72 -54.41 4.81
CA LEU B 340 66.27 -55.77 4.63
C LEU B 340 66.75 -56.71 5.71
N THR B 341 67.65 -56.27 6.59
CA THR B 341 68.05 -57.09 7.72
C THR B 341 67.01 -57.14 8.83
N ALA B 342 65.98 -56.31 8.77
CA ALA B 342 64.79 -56.46 9.61
C ALA B 342 65.14 -56.42 11.10
N ALA B 343 66.08 -55.58 11.47
CA ALA B 343 66.55 -55.54 12.85
C ALA B 343 65.49 -55.03 13.82
N VAL B 344 64.63 -54.12 13.37
CA VAL B 344 63.58 -53.56 14.20
C VAL B 344 62.35 -53.37 13.34
N ASN B 345 61.18 -53.35 13.98
CA ASN B 345 59.93 -53.07 13.28
C ASN B 345 59.50 -51.64 13.55
N LYS B 346 59.30 -50.88 12.49
CA LYS B 346 59.04 -49.45 12.59
C LYS B 346 57.64 -49.05 12.18
N GLY B 347 56.75 -50.00 11.94
CA GLY B 347 55.40 -49.69 11.50
C GLY B 347 54.35 -50.28 12.40
N ILE B 348 53.35 -49.49 12.74
CA ILE B 348 52.14 -50.00 13.35
C ILE B 348 51.28 -50.68 12.30
N LEU B 349 50.88 -51.91 12.56
CA LEU B 349 49.83 -52.56 11.78
C LEU B 349 48.47 -52.10 12.23
N VAL B 350 47.61 -51.75 11.29
CA VAL B 350 46.22 -51.46 11.61
C VAL B 350 45.38 -52.73 11.61
N THR B 351 45.65 -53.65 10.70
CA THR B 351 45.17 -55.02 10.79
C THR B 351 46.04 -55.75 11.80
N VAL B 352 45.55 -55.88 13.03
CA VAL B 352 46.45 -56.10 14.15
C VAL B 352 47.08 -57.47 14.11
N ASN B 353 46.40 -58.47 13.57
CA ASN B 353 46.98 -59.82 13.48
C ASN B 353 46.45 -60.55 12.27
N PRO B 354 47.12 -60.43 11.15
CA PRO B 354 46.56 -60.95 9.90
C PRO B 354 46.68 -62.46 9.81
N ILE B 355 45.62 -63.16 10.12
CA ILE B 355 45.53 -64.61 10.00
C ILE B 355 44.94 -65.01 8.66
N ALA B 356 45.45 -66.09 8.09
CA ALA B 356 44.71 -66.86 7.09
C ALA B 356 43.85 -67.92 7.78
N SER B 357 42.85 -68.43 7.05
CA SER B 357 42.14 -69.60 7.55
C SER B 357 41.68 -70.59 6.49
N THR B 358 42.05 -70.43 5.22
CA THR B 358 41.88 -71.47 4.20
C THR B 358 43.13 -71.49 3.34
N ASN B 359 43.31 -72.56 2.62
CA ASN B 359 44.50 -72.68 1.79
C ASN B 359 44.49 -71.75 0.58
N ASP B 360 43.52 -70.85 0.46
CA ASP B 360 43.40 -69.97 -0.69
C ASP B 360 43.07 -68.56 -0.24
N ASP B 361 43.07 -68.33 1.07
CA ASP B 361 42.55 -67.11 1.66
C ASP B 361 43.31 -65.88 1.18
N GLU B 362 42.58 -64.80 0.96
CA GLU B 362 43.13 -63.52 0.55
C GLU B 362 42.85 -62.51 1.65
N VAL B 363 43.90 -61.99 2.27
CA VAL B 363 43.76 -61.14 3.43
C VAL B 363 44.31 -59.76 3.13
N LEU B 364 43.47 -58.75 3.32
CA LEU B 364 43.91 -57.37 3.27
C LEU B 364 44.66 -56.99 4.52
N ILE B 365 45.81 -56.34 4.35
CA ILE B 365 46.64 -55.87 5.44
C ILE B 365 46.91 -54.38 5.24
N GLU B 366 46.76 -53.60 6.31
CA GLU B 366 47.07 -52.18 6.30
C GLU B 366 48.17 -51.86 7.29
N VAL B 367 49.24 -51.22 6.82
CA VAL B 367 50.38 -50.89 7.65
C VAL B 367 50.62 -49.39 7.59
N ASN B 368 51.12 -48.83 8.69
CA ASN B 368 51.48 -47.43 8.83
C ASN B 368 52.99 -47.26 8.79
N PRO B 369 53.59 -47.14 7.61
CA PRO B 369 55.04 -47.11 7.51
C PRO B 369 55.63 -45.83 8.06
N PRO B 370 56.88 -45.87 8.50
CA PRO B 370 57.55 -44.66 8.99
C PRO B 370 57.83 -43.66 7.89
N PHE B 371 58.19 -42.47 8.33
CA PHE B 371 58.73 -41.46 7.43
C PHE B 371 60.08 -41.90 6.89
N GLY B 372 60.42 -41.40 5.72
CA GLY B 372 61.60 -41.82 4.99
C GLY B 372 61.46 -43.17 4.32
N ASP B 373 62.60 -43.68 3.87
CA ASP B 373 62.64 -44.92 3.11
C ASP B 373 62.49 -46.13 4.01
N SER B 374 61.77 -47.15 3.52
CA SER B 374 61.56 -48.36 4.28
C SER B 374 61.18 -49.50 3.35
N TYR B 375 61.23 -50.72 3.89
CA TYR B 375 60.81 -51.93 3.20
C TYR B 375 59.62 -52.55 3.92
N ILE B 376 58.51 -52.72 3.21
CA ILE B 376 57.40 -53.54 3.69
C ILE B 376 57.75 -55.00 3.41
N ILE B 377 57.92 -55.77 4.46
CA ILE B 377 58.40 -57.14 4.37
C ILE B 377 57.29 -58.04 4.86
N VAL B 378 56.88 -58.99 4.03
CA VAL B 378 55.89 -59.97 4.39
C VAL B 378 56.41 -61.37 4.07
N GLY B 379 56.32 -62.26 5.04
CA GLY B 379 56.89 -63.59 4.97
C GLY B 379 58.18 -63.78 5.73
N ARG B 380 58.77 -64.94 5.50
CA ARG B 380 60.02 -65.38 6.11
C ARG B 380 60.93 -65.98 5.05
N GLY B 381 62.21 -66.07 5.38
CA GLY B 381 63.15 -66.87 4.62
C GLY B 381 63.37 -66.44 3.19
N ASP B 382 63.26 -67.41 2.28
CA ASP B 382 63.53 -67.16 0.88
C ASP B 382 62.31 -66.69 0.11
N SER B 383 61.13 -67.04 0.57
CA SER B 383 59.88 -66.73 -0.10
C SER B 383 59.33 -65.38 0.30
N ARG B 384 60.13 -64.54 0.95
CA ARG B 384 59.63 -63.24 1.38
C ARG B 384 59.15 -62.42 0.21
N LEU B 385 58.17 -61.58 0.47
CA LEU B 385 57.90 -60.43 -0.37
C LEU B 385 58.42 -59.17 0.30
N THR B 386 59.23 -58.41 -0.44
CA THR B 386 59.81 -57.15 0.03
C THR B 386 59.48 -56.03 -0.94
N TYR B 387 58.87 -54.97 -0.45
CA TYR B 387 58.44 -53.83 -1.27
C TYR B 387 58.95 -52.53 -0.68
N GLN B 388 59.70 -51.77 -1.49
CA GLN B 388 60.22 -50.47 -1.08
C GLN B 388 59.10 -49.46 -0.90
N TRP B 389 59.24 -48.58 0.09
CA TRP B 389 58.25 -47.56 0.36
C TRP B 389 58.92 -46.24 0.71
N HIS B 390 58.18 -45.15 0.51
CA HIS B 390 58.67 -43.81 0.82
C HIS B 390 57.54 -42.93 1.35
N LYS B 391 57.56 -42.69 2.66
CA LYS B 391 56.57 -41.89 3.40
C LYS B 391 55.15 -42.08 2.89
N ALA C 1 -42.33 44.29 12.82
CA ALA C 1 -41.42 44.82 13.81
C ALA C 1 -40.87 43.72 14.70
N HIS C 2 -40.62 42.55 14.12
CA HIS C 2 -40.17 41.43 14.92
C HIS C 2 -38.76 41.57 15.46
N CYS C 3 -38.03 42.62 15.09
CA CYS C 3 -36.81 42.93 15.82
C CYS C 3 -37.09 43.13 17.31
N ILE C 4 -38.31 43.53 17.67
CA ILE C 4 -38.69 43.69 19.07
C ILE C 4 -38.56 42.38 19.83
N GLY C 5 -38.89 41.28 19.19
CA GLY C 5 -38.89 40.01 19.86
C GLY C 5 -37.56 39.34 20.00
N ILE C 6 -36.54 39.84 19.32
CA ILE C 6 -35.23 39.24 19.33
C ILE C 6 -34.32 40.13 20.18
N THR C 7 -33.68 39.52 21.17
CA THR C 7 -32.92 40.28 22.15
C THR C 7 -31.65 40.88 21.56
N ASP C 8 -30.97 40.18 20.66
CA ASP C 8 -29.69 40.65 20.10
C ASP C 8 -29.93 41.44 18.82
N ARG C 9 -30.35 42.68 18.99
CA ARG C 9 -30.75 43.57 17.90
C ARG C 9 -29.69 44.61 17.61
N ASP C 10 -29.36 44.79 16.33
CA ASP C 10 -28.54 45.90 15.88
C ASP C 10 -29.33 46.85 14.99
N PHE C 11 -29.01 48.13 15.08
CA PHE C 11 -29.50 49.14 14.14
C PHE C 11 -28.43 49.49 13.12
N ILE C 12 -28.82 49.59 11.85
CA ILE C 12 -27.95 50.04 10.77
C ILE C 12 -28.67 51.13 9.98
N GLU C 13 -27.96 52.18 9.62
CA GLU C 13 -28.55 53.39 9.03
C GLU C 13 -28.02 53.68 7.63
N GLY C 14 -28.92 54.18 6.77
CA GLY C 14 -28.57 54.59 5.42
C GLY C 14 -28.07 56.04 5.29
N VAL C 15 -27.66 56.38 4.06
CA VAL C 15 -27.17 57.70 3.69
C VAL C 15 -27.93 58.14 2.45
N HIS C 16 -28.20 59.45 2.35
CA HIS C 16 -29.20 59.98 1.43
C HIS C 16 -28.83 59.77 -0.04
N GLY C 17 -27.63 59.32 -0.36
CA GLY C 17 -27.33 58.88 -1.72
C GLY C 17 -28.04 57.60 -2.15
N GLY C 18 -28.66 56.87 -1.23
CA GLY C 18 -29.41 55.69 -1.58
C GLY C 18 -28.58 54.48 -1.89
N THR C 19 -27.33 54.45 -1.43
CA THR C 19 -26.44 53.32 -1.65
C THR C 19 -27.01 52.05 -1.01
N TRP C 20 -26.67 50.91 -1.60
CA TRP C 20 -26.89 49.63 -0.92
C TRP C 20 -26.27 49.65 0.47
N VAL C 21 -26.99 49.12 1.45
CA VAL C 21 -26.46 48.96 2.80
C VAL C 21 -26.21 47.48 3.06
N SER C 22 -25.02 47.17 3.56
CA SER C 22 -24.60 45.80 3.80
C SER C 22 -24.65 45.47 5.29
N ALA C 23 -25.16 44.29 5.61
CA ALA C 23 -25.47 43.90 6.97
C ALA C 23 -25.09 42.46 7.21
N THR C 24 -24.72 42.15 8.45
CA THR C 24 -24.32 40.81 8.85
C THR C 24 -25.42 40.20 9.69
N LEU C 25 -25.99 39.10 9.22
CA LEU C 25 -27.10 38.40 9.88
C LEU C 25 -26.57 37.10 10.46
N GLU C 26 -26.74 36.93 11.76
CA GLU C 26 -26.22 35.79 12.50
C GLU C 26 -27.35 35.13 13.25
N GLN C 27 -27.28 33.81 13.39
CA GLN C 27 -28.49 33.01 13.51
C GLN C 27 -29.34 33.42 14.70
N ASP C 28 -28.74 33.91 15.78
CA ASP C 28 -29.53 34.33 16.92
C ASP C 28 -29.88 35.81 16.89
N LYS C 29 -29.27 36.59 16.03
CA LYS C 29 -29.36 38.03 16.06
C LYS C 29 -30.39 38.54 15.05
N CYS C 30 -30.67 39.84 15.12
CA CYS C 30 -31.61 40.48 14.22
C CYS C 30 -31.16 41.91 13.95
N VAL C 31 -31.52 42.44 12.78
CA VAL C 31 -31.08 43.76 12.37
C VAL C 31 -32.28 44.60 11.93
N THR C 32 -32.38 45.81 12.46
CA THR C 32 -33.28 46.84 11.94
C THR C 32 -32.49 47.79 11.06
N VAL C 33 -32.80 47.80 9.77
CA VAL C 33 -32.18 48.70 8.81
C VAL C 33 -33.08 49.91 8.63
N MET C 34 -32.56 51.09 8.97
CA MET C 34 -33.31 52.34 8.91
C MET C 34 -32.75 53.21 7.79
N ALA C 35 -33.62 53.62 6.89
CA ALA C 35 -33.32 54.57 5.83
C ALA C 35 -33.50 56.00 6.31
N PRO C 36 -32.88 56.97 5.64
CA PRO C 36 -33.09 58.37 6.03
C PRO C 36 -34.51 58.84 5.79
N ASP C 37 -35.19 58.36 4.75
CA ASP C 37 -36.48 58.93 4.39
C ASP C 37 -37.54 57.88 4.13
N LYS C 38 -37.24 56.62 4.39
CA LYS C 38 -38.06 55.50 3.95
C LYS C 38 -38.27 54.52 5.10
N PRO C 39 -39.31 53.69 5.03
CA PRO C 39 -39.63 52.81 6.16
C PRO C 39 -38.52 51.83 6.51
N SER C 40 -38.41 51.55 7.80
CA SER C 40 -37.40 50.65 8.36
C SER C 40 -37.75 49.18 8.13
N LEU C 41 -36.70 48.36 7.97
CA LEU C 41 -36.82 46.95 7.63
C LEU C 41 -36.28 46.07 8.76
N ASP C 42 -37.12 45.18 9.28
CA ASP C 42 -36.65 44.01 10.00
C ASP C 42 -36.03 43.01 9.04
N ILE C 43 -34.80 42.58 9.30
CA ILE C 43 -34.17 41.51 8.53
C ILE C 43 -33.42 40.58 9.47
N SER C 44 -33.62 39.28 9.32
CA SER C 44 -33.05 38.32 10.25
C SER C 44 -32.96 36.93 9.62
N LEU C 45 -31.85 36.25 9.86
CA LEU C 45 -31.60 34.89 9.38
C LEU C 45 -32.41 33.86 10.14
N GLU C 46 -33.32 33.19 9.47
CA GLU C 46 -34.14 32.18 10.15
C GLU C 46 -33.50 30.80 10.22
N THR C 47 -33.01 30.25 9.09
CA THR C 47 -32.40 28.93 9.10
C THR C 47 -31.25 28.85 8.12
N VAL C 48 -30.34 27.91 8.35
CA VAL C 48 -29.38 27.43 7.37
C VAL C 48 -29.43 25.92 7.36
N ALA C 49 -29.41 25.31 6.17
CA ALA C 49 -29.69 23.89 6.07
C ALA C 49 -28.94 23.24 4.91
N ILE C 50 -28.82 21.92 4.97
CA ILE C 50 -28.51 21.07 3.83
C ILE C 50 -29.67 20.12 3.59
N ASP C 51 -30.19 20.10 2.38
CA ASP C 51 -31.26 19.18 1.99
C ASP C 51 -30.69 17.89 1.43
N GLY C 52 -30.76 16.82 2.22
CA GLY C 52 -30.28 15.51 1.84
C GLY C 52 -28.79 15.39 1.62
N PRO C 53 -28.01 15.42 2.69
CA PRO C 53 -26.57 15.12 2.61
C PRO C 53 -26.29 13.75 2.00
N ALA C 54 -25.02 13.54 1.66
CA ALA C 54 -24.53 12.26 1.15
C ALA C 54 -24.07 11.35 2.30
N GLU C 55 -24.65 10.16 2.37
CA GLU C 55 -24.29 9.15 3.38
C GLU C 55 -22.87 8.63 3.17
N ALA C 56 -22.00 8.82 4.16
CA ALA C 56 -20.59 8.53 4.00
C ALA C 56 -20.11 7.35 4.84
N ARG C 57 -20.35 7.37 6.14
CA ARG C 57 -19.99 6.25 7.00
C ARG C 57 -21.12 6.04 8.00
N LYS C 58 -21.33 4.79 8.38
CA LYS C 58 -21.96 4.45 9.66
C LYS C 58 -20.88 3.92 10.58
N VAL C 59 -20.82 4.45 11.79
CA VAL C 59 -19.87 3.97 12.80
C VAL C 59 -20.63 3.44 14.01
N CYS C 60 -20.18 2.30 14.52
CA CYS C 60 -20.95 1.50 15.47
C CYS C 60 -20.51 1.80 16.89
N TYR C 61 -21.48 2.10 17.75
CA TYR C 61 -21.22 2.41 19.14
C TYR C 61 -21.83 1.42 20.11
N SER C 62 -22.74 0.55 19.67
CA SER C 62 -23.13 -0.61 20.45
C SER C 62 -23.18 -1.84 19.55
N ALA C 63 -22.62 -2.95 20.02
CA ALA C 63 -22.44 -4.15 19.21
C ALA C 63 -22.88 -5.39 19.97
N VAL C 64 -23.21 -6.44 19.23
CA VAL C 64 -23.51 -7.75 19.81
C VAL C 64 -22.77 -8.84 19.03
N LEU C 65 -22.28 -9.84 19.75
CA LEU C 65 -21.49 -10.95 19.19
C LEU C 65 -22.27 -12.25 19.25
N THR C 66 -23.07 -12.51 18.22
CA THR C 66 -24.21 -13.43 18.35
C THR C 66 -23.84 -14.90 18.31
N ASN C 67 -22.72 -15.27 17.71
CA ASN C 67 -22.34 -16.68 17.63
C ASN C 67 -20.83 -16.77 17.79
N VAL C 68 -20.36 -17.78 18.52
CA VAL C 68 -18.95 -17.90 18.82
C VAL C 68 -18.48 -19.33 18.56
N LYS C 69 -17.37 -19.46 17.84
CA LYS C 69 -16.76 -20.76 17.59
C LYS C 69 -15.25 -20.66 17.76
N ILE C 70 -14.64 -21.71 18.33
CA ILE C 70 -13.23 -21.75 18.69
C ILE C 70 -12.61 -23.03 18.16
N ASN C 71 -11.34 -22.97 17.74
CA ASN C 71 -10.58 -24.13 17.32
C ASN C 71 -9.16 -24.13 17.90
N ASP C 72 -8.69 -25.31 18.31
CA ASP C 72 -7.44 -25.45 19.06
C ASP C 72 -6.67 -26.66 18.57
N LYS C 73 -5.34 -26.55 18.49
CA LYS C 73 -4.50 -27.68 18.08
C LYS C 73 -3.28 -27.81 18.98
N CYS C 74 -2.83 -29.06 19.13
CA CYS C 74 -1.71 -29.43 20.00
C CYS C 74 -0.39 -28.81 19.55
N PRO C 75 0.59 -28.72 20.46
CA PRO C 75 1.80 -27.95 20.17
C PRO C 75 2.63 -28.41 18.98
N SER C 76 2.58 -29.67 18.61
CA SER C 76 3.39 -30.13 17.49
C SER C 76 2.55 -30.73 16.38
N THR C 77 1.30 -30.31 16.26
CA THR C 77 0.45 -30.80 15.18
C THR C 77 -0.07 -29.68 14.29
N GLY C 78 0.67 -28.57 14.23
CA GLY C 78 0.42 -27.54 13.23
C GLY C 78 -0.25 -26.28 13.76
N GLU C 79 -1.11 -25.67 12.94
CA GLU C 79 -1.77 -24.42 13.28
C GLU C 79 -3.26 -24.49 12.94
N ALA C 80 -4.09 -23.96 13.83
CA ALA C 80 -5.55 -24.04 13.73
C ALA C 80 -6.14 -23.02 12.76
N HIS C 81 -7.27 -23.38 12.16
CA HIS C 81 -8.03 -22.50 11.27
C HIS C 81 -9.52 -22.75 11.47
N LEU C 82 -10.33 -21.80 11.00
CA LEU C 82 -11.78 -21.96 11.01
C LEU C 82 -12.37 -21.50 9.68
N GLU C 83 -13.42 -22.18 9.23
CA GLU C 83 -14.17 -21.71 8.07
C GLU C 83 -14.69 -20.29 8.23
N GLU C 84 -15.03 -19.88 9.45
CA GLU C 84 -15.43 -18.50 9.68
C GLU C 84 -14.34 -17.50 9.33
N GLU C 85 -13.09 -17.90 9.40
CA GLU C 85 -11.99 -16.98 9.21
C GLU C 85 -11.92 -16.47 7.78
N ASN C 86 -12.46 -17.23 6.84
CA ASN C 86 -12.64 -16.82 5.45
C ASN C 86 -13.86 -15.93 5.24
N GLU C 87 -14.71 -15.76 6.24
CA GLU C 87 -16.04 -15.20 6.06
C GLU C 87 -16.11 -13.87 6.79
N GLY C 88 -16.39 -12.81 6.04
CA GLY C 88 -16.04 -11.46 6.44
C GLY C 88 -16.77 -10.91 7.65
N ASP C 89 -17.98 -11.39 7.93
CA ASP C 89 -18.68 -10.84 9.09
C ASP C 89 -18.24 -11.42 10.42
N ASN C 90 -17.24 -12.28 10.46
CA ASN C 90 -16.67 -12.77 11.72
C ASN C 90 -15.44 -11.97 12.12
N ALA C 91 -15.46 -11.40 13.32
CA ALA C 91 -14.24 -10.97 13.99
C ALA C 91 -13.45 -12.17 14.49
N CYS C 92 -12.12 -12.12 14.34
CA CYS C 92 -11.25 -13.27 14.54
C CYS C 92 -10.00 -12.86 15.30
N LYS C 93 -9.51 -13.73 16.17
CA LYS C 93 -8.20 -13.54 16.78
C LYS C 93 -7.46 -14.86 16.90
N ARG C 94 -6.15 -14.82 16.69
CA ARG C 94 -5.26 -15.97 16.72
C ARG C 94 -4.22 -15.80 17.82
N THR C 95 -3.95 -16.87 18.56
CA THR C 95 -2.97 -16.83 19.65
C THR C 95 -2.61 -18.25 20.03
N TYR C 96 -1.90 -18.41 21.16
CA TYR C 96 -1.52 -19.73 21.66
C TYR C 96 -1.93 -19.92 23.12
N SER C 97 -2.26 -21.17 23.45
CA SER C 97 -2.57 -21.60 24.81
C SER C 97 -1.60 -22.70 25.27
N ASP C 98 -1.33 -22.73 26.56
CA ASP C 98 -0.46 -23.74 27.16
C ASP C 98 -1.20 -25.06 27.24
N ARG C 99 -0.79 -26.02 26.44
CA ARG C 99 -1.36 -27.36 26.43
C ARG C 99 -0.52 -28.31 27.27
N GLY C 100 -1.15 -29.38 27.72
CA GLY C 100 -0.44 -30.43 28.42
C GLY C 100 -1.38 -31.60 28.64
N TRP C 101 -0.87 -32.62 29.32
CA TRP C 101 -1.68 -33.82 29.57
C TRP C 101 -2.93 -33.51 30.36
N GLY C 102 -2.91 -32.44 31.15
CA GLY C 102 -4.09 -32.04 31.88
C GLY C 102 -5.23 -31.57 31.03
N ASN C 103 -5.01 -31.37 29.74
CA ASN C 103 -6.07 -31.01 28.81
C ASN C 103 -5.96 -31.81 27.51
N GLY C 104 -5.68 -33.10 27.63
CA GLY C 104 -5.84 -34.02 26.53
C GLY C 104 -4.76 -33.97 25.46
N CYS C 105 -3.68 -33.23 25.69
CA CYS C 105 -2.62 -33.04 24.71
C CYS C 105 -1.37 -33.81 25.10
N GLY C 106 -0.77 -34.48 24.12
CA GLY C 106 0.32 -35.39 24.41
C GLY C 106 1.67 -34.76 24.64
N LEU C 107 1.90 -33.57 24.13
CA LEU C 107 3.15 -32.86 24.34
C LEU C 107 2.88 -31.57 25.10
N PHE C 108 3.68 -31.33 26.13
CA PHE C 108 3.62 -30.06 26.83
C PHE C 108 4.16 -28.94 25.97
N GLY C 109 3.43 -27.84 25.90
CA GLY C 109 3.91 -26.65 25.21
C GLY C 109 2.78 -25.77 24.74
N LYS C 110 3.15 -24.71 24.04
CA LYS C 110 2.19 -23.75 23.50
C LYS C 110 1.54 -24.26 22.23
N GLY C 111 0.22 -24.22 22.19
CA GLY C 111 -0.55 -24.69 21.05
C GLY C 111 -1.48 -23.63 20.49
N SER C 112 -1.56 -23.58 19.17
CA SER C 112 -2.32 -22.53 18.49
C SER C 112 -3.81 -22.70 18.70
N ILE C 113 -4.50 -21.60 19.00
CA ILE C 113 -5.95 -21.56 19.17
C ILE C 113 -6.47 -20.32 18.45
N VAL C 114 -7.66 -20.43 17.85
CA VAL C 114 -8.28 -19.32 17.12
C VAL C 114 -9.78 -19.26 17.44
N ALA C 115 -10.30 -18.04 17.61
CA ALA C 115 -11.70 -17.81 17.94
C ALA C 115 -12.32 -16.76 17.01
N CYS C 116 -13.57 -17.00 16.61
CA CYS C 116 -14.30 -16.12 15.71
C CYS C 116 -15.72 -15.89 16.23
N ALA C 117 -16.23 -14.67 16.06
CA ALA C 117 -17.60 -14.34 16.46
C ALA C 117 -18.26 -13.39 15.48
N LYS C 118 -19.56 -13.56 15.27
CA LYS C 118 -20.35 -12.75 14.33
C LYS C 118 -20.63 -11.36 14.88
N PHE C 119 -20.06 -10.35 14.24
CA PHE C 119 -20.30 -8.95 14.59
C PHE C 119 -21.68 -8.53 14.12
N THR C 120 -22.35 -7.69 14.91
CA THR C 120 -23.64 -7.15 14.49
C THR C 120 -23.85 -5.82 15.20
N CYS C 121 -23.97 -4.76 14.41
CA CYS C 121 -24.22 -3.44 14.94
C CYS C 121 -25.67 -3.29 15.39
N ALA C 122 -25.84 -2.88 16.65
CA ALA C 122 -27.16 -2.61 17.21
C ALA C 122 -27.55 -1.15 17.08
N LYS C 123 -26.62 -0.23 17.33
CA LYS C 123 -26.80 1.16 17.00
C LYS C 123 -25.54 1.68 16.33
N SER C 124 -25.71 2.43 15.25
CA SER C 124 -24.61 3.07 14.54
C SER C 124 -24.84 4.56 14.43
N MET C 125 -23.78 5.34 14.65
CA MET C 125 -23.81 6.74 14.26
C MET C 125 -23.68 6.89 12.77
N SER C 126 -24.64 7.57 12.15
CA SER C 126 -24.49 7.98 10.76
C SER C 126 -23.59 9.20 10.68
N LEU C 127 -22.72 9.21 9.68
CA LEU C 127 -21.94 10.39 9.30
C LEU C 127 -22.26 10.76 7.86
N PHE C 128 -22.77 11.97 7.66
CA PHE C 128 -23.09 12.49 6.34
C PHE C 128 -22.10 13.57 5.95
N GLU C 129 -21.57 13.49 4.74
CA GLU C 129 -20.64 14.50 4.26
C GLU C 129 -21.37 15.75 3.79
N VAL C 130 -20.99 16.90 4.35
CA VAL C 130 -21.53 18.20 3.93
C VAL C 130 -20.86 18.66 2.65
N ASP C 131 -21.63 19.33 1.79
CA ASP C 131 -21.16 19.86 0.52
C ASP C 131 -21.60 21.31 0.48
N GLN C 132 -20.64 22.23 0.50
CA GLN C 132 -20.96 23.66 0.55
C GLN C 132 -21.86 24.10 -0.58
N THR C 133 -21.78 23.45 -1.73
CA THR C 133 -22.59 23.87 -2.86
C THR C 133 -24.06 23.59 -2.68
N LYS C 134 -24.43 22.75 -1.72
CA LYS C 134 -25.81 22.39 -1.50
C LYS C 134 -26.47 23.10 -0.33
N ILE C 135 -25.76 24.01 0.33
CA ILE C 135 -26.30 24.73 1.49
C ILE C 135 -27.44 25.65 1.08
N GLN C 136 -28.50 25.66 1.88
CA GLN C 136 -29.68 26.50 1.71
C GLN C 136 -29.85 27.40 2.92
N TYR C 137 -30.52 28.54 2.74
CA TYR C 137 -30.82 29.40 3.87
C TYR C 137 -32.06 30.24 3.61
N VAL C 138 -32.63 30.78 4.69
CA VAL C 138 -33.88 31.55 4.66
C VAL C 138 -33.75 32.80 5.52
N ILE C 139 -34.15 33.95 4.96
CA ILE C 139 -34.13 35.25 5.63
C ILE C 139 -35.56 35.74 5.75
N ARG C 140 -35.90 36.35 6.87
CA ARG C 140 -37.21 36.97 7.09
C ARG C 140 -37.09 38.49 7.05
N ALA C 141 -37.99 39.12 6.30
CA ALA C 141 -38.00 40.55 6.13
C ALA C 141 -39.38 41.11 6.51
N GLN C 142 -39.40 42.24 7.20
CA GLN C 142 -40.67 42.86 7.57
C GLN C 142 -40.46 44.35 7.79
N LEU C 143 -41.19 45.18 7.05
CA LEU C 143 -41.15 46.61 7.28
C LEU C 143 -41.95 46.95 8.54
N HIS C 144 -41.59 48.06 9.17
CA HIS C 144 -42.32 48.61 10.31
C HIS C 144 -43.58 49.35 9.85
N VAL C 145 -44.53 48.57 9.34
CA VAL C 145 -45.80 49.12 8.92
C VAL C 145 -46.58 49.64 10.11
N GLY C 146 -46.30 49.16 11.30
CA GLY C 146 -47.10 49.48 12.47
C GLY C 146 -48.09 48.42 12.88
N ALA C 147 -47.96 47.20 12.38
CA ALA C 147 -48.93 46.16 12.64
C ALA C 147 -48.77 45.55 14.01
N LYS C 148 -49.90 45.10 14.56
CA LYS C 148 -49.95 44.37 15.82
C LYS C 148 -48.98 43.20 15.82
N GLN C 149 -48.44 42.90 17.00
CA GLN C 149 -47.69 41.66 17.19
C GLN C 149 -48.52 40.43 16.83
N GLU C 150 -49.81 40.46 17.13
CA GLU C 150 -50.70 39.37 16.72
C GLU C 150 -50.81 39.21 15.21
N ASN C 151 -50.37 40.17 14.42
CA ASN C 151 -50.47 40.09 12.97
C ASN C 151 -49.12 39.93 12.29
N TRP C 152 -48.06 39.66 13.02
CA TRP C 152 -46.73 39.61 12.39
C TRP C 152 -46.57 38.39 11.49
N ASN C 153 -46.90 37.21 11.97
CA ASN C 153 -46.69 36.02 11.17
C ASN C 153 -47.56 35.99 9.91
N THR C 154 -48.68 36.71 9.91
CA THR C 154 -49.44 36.89 8.68
C THR C 154 -48.77 37.84 7.72
N ASP C 155 -47.85 38.68 8.17
CA ASP C 155 -47.37 39.78 7.36
C ASP C 155 -45.90 39.69 7.01
N ILE C 156 -45.10 38.96 7.77
CA ILE C 156 -43.70 38.75 7.42
C ILE C 156 -43.57 38.06 6.08
N LYS C 157 -42.56 38.43 5.32
CA LYS C 157 -42.23 37.79 4.06
C LYS C 157 -41.05 36.86 4.28
N THR C 158 -41.20 35.60 3.91
CA THR C 158 -40.16 34.60 4.10
C THR C 158 -39.43 34.38 2.78
N LEU C 159 -38.14 34.69 2.76
CA LEU C 159 -37.35 34.69 1.54
C LEU C 159 -36.41 33.49 1.55
N LYS C 160 -36.54 32.63 0.54
CA LYS C 160 -35.72 31.43 0.41
C LYS C 160 -34.55 31.70 -0.51
N PHE C 161 -33.42 31.04 -0.24
CA PHE C 161 -32.23 31.19 -1.05
C PHE C 161 -31.49 29.86 -1.15
N ASP C 162 -30.67 29.74 -2.18
CA ASP C 162 -29.72 28.66 -2.31
C ASP C 162 -28.43 29.20 -2.92
N ALA C 163 -27.49 28.31 -3.19
CA ALA C 163 -26.20 28.76 -3.69
C ALA C 163 -26.30 29.49 -5.02
N LEU C 164 -27.42 29.38 -5.73
CA LEU C 164 -27.50 29.89 -7.08
C LEU C 164 -28.62 30.89 -7.31
N SER C 165 -29.58 31.00 -6.41
CA SER C 165 -30.57 32.07 -6.46
C SER C 165 -29.90 33.35 -6.00
N GLY C 166 -29.35 34.10 -6.96
CA GLY C 166 -28.39 35.14 -6.63
C GLY C 166 -28.99 36.28 -5.82
N SER C 167 -30.19 36.71 -6.17
CA SER C 167 -30.84 37.78 -5.42
C SER C 167 -32.34 37.62 -5.52
N GLN C 168 -33.03 38.10 -4.49
CA GLN C 168 -34.47 37.96 -4.36
C GLN C 168 -35.09 39.33 -4.10
N GLU C 169 -36.36 39.45 -4.47
CA GLU C 169 -37.14 40.67 -4.30
C GLU C 169 -38.24 40.44 -3.27
N ALA C 170 -38.29 41.31 -2.27
CA ALA C 170 -39.38 41.33 -1.30
C ALA C 170 -40.38 42.41 -1.65
N GLU C 171 -41.66 42.05 -1.72
CA GLU C 171 -42.73 42.98 -2.05
C GLU C 171 -43.62 43.21 -0.84
N PHE C 172 -43.76 44.47 -0.45
CA PHE C 172 -44.58 44.89 0.68
C PHE C 172 -45.68 45.79 0.16
N THR C 173 -46.93 45.42 0.40
CA THR C 173 -48.04 46.07 -0.29
C THR C 173 -48.05 47.57 0.02
N GLY C 174 -48.12 48.35 -1.05
CA GLY C 174 -48.10 49.80 -0.94
C GLY C 174 -46.75 50.41 -0.69
N TYR C 175 -46.01 49.88 0.26
CA TYR C 175 -44.71 50.43 0.60
C TYR C 175 -43.69 50.16 -0.50
N GLY C 176 -43.96 49.19 -1.36
CA GLY C 176 -43.19 48.97 -2.56
C GLY C 176 -42.41 47.68 -2.56
N ARG C 177 -41.13 47.71 -2.92
CA ARG C 177 -40.35 46.50 -2.94
C ARG C 177 -38.92 46.79 -2.54
N ALA C 178 -38.24 45.75 -2.06
CA ALA C 178 -36.82 45.78 -1.80
C ALA C 178 -36.21 44.51 -2.35
N THR C 179 -34.91 44.52 -2.59
CA THR C 179 -34.21 43.34 -3.04
C THR C 179 -33.02 43.07 -2.14
N LEU C 180 -32.79 41.80 -1.85
CA LEU C 180 -31.64 41.33 -1.09
C LEU C 180 -30.68 40.58 -1.99
N GLU C 181 -29.40 40.85 -1.84
CA GLU C 181 -28.35 40.09 -2.51
C GLU C 181 -27.35 39.65 -1.46
N CYS C 182 -26.94 38.38 -1.52
CA CYS C 182 -26.38 37.74 -0.34
C CYS C 182 -25.33 36.71 -0.73
N GLN C 183 -24.39 36.48 0.18
CA GLN C 183 -23.57 35.27 0.15
C GLN C 183 -24.41 34.13 0.67
N VAL C 184 -24.30 32.97 0.01
CA VAL C 184 -25.06 31.81 0.48
C VAL C 184 -24.67 31.46 1.90
N GLN C 185 -23.39 31.61 2.24
CA GLN C 185 -22.97 31.82 3.60
C GLN C 185 -21.60 32.44 3.57
N THR C 186 -21.29 33.19 4.60
CA THR C 186 -19.89 33.50 4.89
C THR C 186 -19.25 32.40 5.70
N ALA C 187 -20.02 31.38 6.08
CA ALA C 187 -19.61 30.38 7.07
C ALA C 187 -18.66 29.36 6.47
N VAL C 188 -17.38 29.77 6.38
CA VAL C 188 -16.26 28.85 6.22
C VAL C 188 -16.06 27.97 7.45
N ASP C 189 -16.68 28.33 8.58
CA ASP C 189 -16.60 27.51 9.78
C ASP C 189 -17.04 26.05 9.57
N PHE C 190 -17.90 25.80 8.59
CA PHE C 190 -18.35 24.43 8.29
C PHE C 190 -17.37 23.58 7.48
N SER C 191 -16.25 24.13 7.00
CA SER C 191 -15.33 23.38 6.15
C SER C 191 -14.86 22.07 6.77
N ASN C 192 -14.64 21.07 5.91
CA ASN C 192 -14.03 19.76 6.24
C ASN C 192 -14.69 19.07 7.42
N SER C 193 -15.98 18.79 7.28
CA SER C 193 -16.73 18.24 8.39
C SER C 193 -17.75 17.23 7.89
N TYR C 194 -18.34 16.50 8.85
CA TYR C 194 -19.53 15.69 8.64
C TYR C 194 -20.63 16.14 9.58
N ILE C 195 -21.87 15.94 9.17
CA ILE C 195 -22.98 15.88 10.10
C ILE C 195 -22.98 14.50 10.75
N ALA C 196 -22.87 14.47 12.07
CA ALA C 196 -22.93 13.23 12.83
C ALA C 196 -24.30 13.10 13.45
N GLU C 197 -24.99 12.00 13.17
CA GLU C 197 -26.30 11.75 13.73
C GLU C 197 -26.31 10.50 14.59
N MET C 198 -26.73 10.66 15.84
CA MET C 198 -27.27 9.59 16.66
C MET C 198 -28.77 9.80 16.76
N GLU C 199 -29.45 8.83 17.34
CA GLU C 199 -30.89 8.88 17.42
C GLU C 199 -31.39 10.16 18.04
N LYS C 200 -31.95 11.04 17.22
CA LYS C 200 -32.51 12.33 17.61
C LYS C 200 -31.50 13.28 18.25
N GLU C 201 -30.22 13.15 17.97
CA GLU C 201 -29.23 14.17 18.29
C GLU C 201 -28.27 14.26 17.12
N SER C 202 -27.82 15.47 16.78
CA SER C 202 -26.84 15.58 15.71
C SER C 202 -25.86 16.72 15.98
N TRP C 203 -24.69 16.59 15.35
CA TRP C 203 -23.53 17.43 15.59
C TRP C 203 -22.78 17.60 14.27
N ILE C 204 -21.96 18.65 14.16
CA ILE C 204 -20.99 18.79 13.07
C ILE C 204 -19.59 18.55 13.60
N VAL C 205 -18.83 17.71 12.91
CA VAL C 205 -17.59 17.15 13.44
C VAL C 205 -16.48 17.18 12.40
N ASP C 206 -15.25 17.43 12.85
CA ASP C 206 -14.10 17.46 11.94
C ASP C 206 -13.90 16.09 11.29
N LYS C 207 -13.59 16.10 9.99
CA LYS C 207 -13.39 14.85 9.27
C LYS C 207 -12.27 14.01 9.88
N GLN C 208 -11.17 14.66 10.29
CA GLN C 208 -10.06 13.91 10.86
C GLN C 208 -10.48 13.21 12.13
N TRP C 209 -11.21 13.91 12.99
CA TRP C 209 -11.70 13.31 14.23
C TRP C 209 -12.57 12.09 13.93
N ALA C 210 -13.52 12.25 13.02
CA ALA C 210 -14.48 11.19 12.78
C ALA C 210 -13.81 9.96 12.18
N GLN C 211 -12.88 10.16 11.26
CA GLN C 211 -12.20 9.02 10.67
C GLN C 211 -11.22 8.37 11.64
N ASP C 212 -10.66 9.12 12.57
CA ASP C 212 -9.74 8.48 13.50
C ASP C 212 -10.42 7.82 14.69
N LEU C 213 -11.73 7.97 14.86
CA LEU C 213 -12.44 7.29 15.94
C LEU C 213 -12.06 5.81 16.00
N THR C 214 -11.67 5.37 17.19
CA THR C 214 -11.38 3.96 17.44
C THR C 214 -12.65 3.15 17.61
N LEU C 215 -13.55 3.22 16.64
CA LEU C 215 -14.75 2.41 16.62
C LEU C 215 -14.94 1.88 15.21
N PRO C 216 -15.53 0.70 15.06
CA PRO C 216 -15.68 0.11 13.73
C PRO C 216 -16.68 0.84 12.86
N TRP C 217 -16.40 0.86 11.55
CA TRP C 217 -17.17 1.65 10.60
C TRP C 217 -17.34 0.95 9.26
N GLN C 218 -18.30 1.44 8.47
CA GLN C 218 -18.54 0.95 7.11
C GLN C 218 -19.07 2.08 6.25
N SER C 219 -18.92 1.93 4.93
CA SER C 219 -19.43 2.89 3.97
C SER C 219 -20.93 2.73 3.75
N GLY C 220 -21.57 3.81 3.32
CA GLY C 220 -23.01 3.90 3.27
C GLY C 220 -23.68 2.92 2.33
N SER C 221 -22.94 2.33 1.40
CA SER C 221 -23.53 1.35 0.53
C SER C 221 -23.80 0.03 1.23
N GLY C 222 -23.32 -0.15 2.44
CA GLY C 222 -23.50 -1.39 3.16
C GLY C 222 -22.38 -2.37 2.87
N GLY C 223 -21.19 -2.06 3.37
CA GLY C 223 -20.05 -2.94 3.24
C GLY C 223 -20.02 -4.05 4.26
N VAL C 224 -18.82 -4.36 4.76
CA VAL C 224 -18.65 -5.11 5.99
C VAL C 224 -17.67 -4.38 6.87
N TRP C 225 -17.92 -4.41 8.17
CA TRP C 225 -17.30 -3.52 9.13
C TRP C 225 -15.80 -3.73 9.24
N ARG C 226 -15.07 -2.63 9.25
CA ARG C 226 -13.67 -2.63 8.87
C ARG C 226 -12.68 -2.79 10.01
N GLU C 227 -13.04 -2.47 11.24
CA GLU C 227 -12.10 -2.56 12.34
C GLU C 227 -12.79 -3.11 13.59
N MET C 228 -13.42 -4.27 13.41
CA MET C 228 -14.24 -4.86 14.45
C MET C 228 -13.51 -5.08 15.77
N HIS C 229 -12.19 -5.22 15.75
CA HIS C 229 -11.46 -5.47 16.99
C HIS C 229 -11.60 -4.37 18.02
N HIS C 230 -12.04 -3.18 17.62
CA HIS C 230 -12.29 -2.13 18.60
C HIS C 230 -13.43 -2.44 19.57
N LEU C 231 -14.32 -3.36 19.26
CA LEU C 231 -15.39 -3.68 20.18
C LEU C 231 -15.46 -5.13 20.63
N VAL C 232 -14.54 -5.99 20.20
CA VAL C 232 -14.49 -7.36 20.69
C VAL C 232 -13.30 -7.51 21.62
N GLU C 233 -13.55 -8.00 22.82
CA GLU C 233 -12.52 -8.30 23.79
C GLU C 233 -12.32 -9.81 23.86
N PHE C 234 -11.08 -10.24 23.72
CA PHE C 234 -10.74 -11.65 23.73
C PHE C 234 -10.02 -11.98 25.03
N GLU C 235 -10.63 -12.85 25.83
CA GLU C 235 -9.99 -13.29 27.06
C GLU C 235 -8.76 -14.13 26.73
N PRO C 236 -7.69 -14.00 27.50
CA PRO C 236 -6.57 -14.93 27.38
C PRO C 236 -7.03 -16.37 27.44
N PRO C 237 -6.46 -17.22 26.60
CA PRO C 237 -6.92 -18.61 26.51
C PRO C 237 -6.80 -19.39 27.82
N HIS C 238 -7.62 -20.41 27.92
CA HIS C 238 -7.51 -21.37 29.00
C HIS C 238 -7.94 -22.72 28.43
N ALA C 239 -6.98 -23.63 28.34
CA ALA C 239 -7.11 -24.89 27.63
C ALA C 239 -7.64 -24.62 26.22
N ALA C 240 -8.72 -25.26 25.80
CA ALA C 240 -9.32 -25.11 24.49
C ALA C 240 -10.34 -23.98 24.41
N THR C 241 -10.33 -23.06 25.35
CA THR C 241 -11.41 -22.08 25.45
C THR C 241 -10.88 -20.66 25.41
N ILE C 242 -11.58 -19.81 24.67
CA ILE C 242 -11.51 -18.36 24.81
C ILE C 242 -12.93 -17.88 25.01
N LYS C 243 -13.13 -16.97 25.96
CA LYS C 243 -14.38 -16.23 26.06
C LYS C 243 -14.23 -14.88 25.39
N VAL C 244 -15.12 -14.57 24.44
CA VAL C 244 -15.14 -13.28 23.78
C VAL C 244 -16.37 -12.50 24.22
N LEU C 245 -16.14 -11.26 24.63
CA LEU C 245 -17.16 -10.40 25.20
C LEU C 245 -17.18 -9.09 24.41
N ALA C 246 -18.36 -8.51 24.24
CA ALA C 246 -18.47 -7.21 23.57
C ALA C 246 -18.15 -6.07 24.51
N LEU C 247 -17.16 -5.26 24.15
CA LEU C 247 -16.96 -4.00 24.84
C LEU C 247 -18.23 -3.16 24.77
N GLY C 248 -18.56 -2.51 25.87
CA GLY C 248 -19.91 -2.01 26.09
C GLY C 248 -20.32 -0.86 25.19
N ASN C 249 -21.60 -0.51 25.33
CA ASN C 249 -22.23 0.56 24.57
C ASN C 249 -21.57 1.90 24.84
N GLN C 250 -21.01 2.48 23.79
CA GLN C 250 -20.15 3.65 23.85
C GLN C 250 -20.89 4.97 23.70
N GLU C 251 -22.22 4.95 23.66
CA GLU C 251 -22.98 6.16 23.40
C GLU C 251 -22.57 7.32 24.30
N GLY C 252 -22.35 7.06 25.58
CA GLY C 252 -21.99 8.14 26.48
C GLY C 252 -20.62 8.71 26.22
N SER C 253 -19.66 7.86 25.84
CA SER C 253 -18.33 8.38 25.54
C SER C 253 -18.33 9.20 24.27
N LEU C 254 -19.03 8.73 23.26
CA LEU C 254 -19.13 9.46 22.01
C LEU C 254 -19.83 10.80 22.24
N LYS C 255 -20.92 10.82 22.99
CA LYS C 255 -21.53 12.09 23.37
C LYS C 255 -20.58 12.98 24.15
N THR C 256 -19.76 12.40 25.02
CA THR C 256 -18.84 13.21 25.80
C THR C 256 -17.80 13.87 24.92
N ALA C 257 -17.42 13.22 23.82
CA ALA C 257 -16.58 13.92 22.86
C ALA C 257 -17.34 15.03 22.14
N LEU C 258 -18.56 14.76 21.71
CA LEU C 258 -19.33 15.65 20.86
C LEU C 258 -19.76 16.95 21.54
N THR C 259 -19.57 17.12 22.84
CA THR C 259 -20.16 18.27 23.54
C THR C 259 -19.71 19.62 22.98
N GLY C 260 -18.57 19.70 22.33
CA GLY C 260 -18.15 20.96 21.75
C GLY C 260 -18.67 21.26 20.36
N ALA C 261 -19.29 20.30 19.70
CA ALA C 261 -19.69 20.48 18.32
C ALA C 261 -20.88 21.43 18.22
N MET C 262 -20.94 22.12 17.09
CA MET C 262 -22.11 22.93 16.80
C MET C 262 -23.32 22.05 16.54
N ARG C 263 -24.43 22.36 17.17
CA ARG C 263 -25.61 21.52 17.11
C ARG C 263 -26.20 21.53 15.71
N VAL C 264 -26.80 20.41 15.34
CA VAL C 264 -27.55 20.27 14.11
C VAL C 264 -28.91 19.68 14.47
N THR C 265 -29.94 20.16 13.81
CA THR C 265 -31.30 19.73 14.06
C THR C 265 -31.93 19.18 12.79
N LYS C 266 -32.86 18.25 12.96
CA LYS C 266 -33.54 17.60 11.87
C LYS C 266 -34.96 18.12 11.75
N ASP C 267 -35.40 18.35 10.52
CA ASP C 267 -36.75 18.84 10.26
C ASP C 267 -37.81 17.82 10.65
N THR C 268 -38.96 18.33 11.07
CA THR C 268 -40.04 17.44 11.50
C THR C 268 -40.84 16.90 10.32
N ASN C 269 -40.96 17.67 9.24
CA ASN C 269 -41.84 17.31 8.14
C ASN C 269 -41.13 16.88 6.87
N ASN C 270 -39.92 17.38 6.61
CA ASN C 270 -39.17 17.07 5.40
C ASN C 270 -37.82 16.48 5.80
N SER C 271 -37.85 15.24 6.31
CA SER C 271 -36.80 14.69 7.17
C SER C 271 -35.40 14.70 6.57
N LYS C 272 -35.25 14.95 5.28
CA LYS C 272 -33.91 15.09 4.73
C LYS C 272 -33.23 16.40 5.13
N LEU C 273 -33.97 17.38 5.63
CA LEU C 273 -33.43 18.72 5.90
C LEU C 273 -32.79 18.81 7.29
N TYR C 274 -31.49 19.06 7.33
CA TYR C 274 -30.74 19.28 8.56
C TYR C 274 -30.46 20.76 8.71
N LYS C 275 -30.91 21.36 9.82
CA LYS C 275 -30.68 22.78 10.08
C LYS C 275 -29.32 22.94 10.74
N LEU C 276 -28.40 23.56 10.03
CA LEU C 276 -27.03 23.72 10.53
C LEU C 276 -26.90 25.05 11.26
N HIS C 277 -26.69 24.97 12.57
CA HIS C 277 -26.60 26.12 13.45
C HIS C 277 -25.25 26.84 13.32
N GLY C 278 -25.21 28.06 13.85
CA GLY C 278 -24.00 28.83 14.03
C GLY C 278 -23.45 29.59 12.83
N GLY C 279 -24.16 29.63 11.70
CA GLY C 279 -23.62 30.27 10.52
C GLY C 279 -23.73 31.79 10.51
N HIS C 280 -22.92 32.39 9.64
CA HIS C 280 -22.99 33.81 9.31
C HIS C 280 -23.41 33.97 7.85
N VAL C 281 -24.47 34.73 7.61
CA VAL C 281 -24.87 35.17 6.28
C VAL C 281 -24.69 36.67 6.16
N ALA C 282 -24.04 37.12 5.08
CA ALA C 282 -23.91 38.53 4.75
C ALA C 282 -24.82 38.92 3.59
N CYS C 283 -25.49 40.07 3.71
CA CYS C 283 -26.39 40.53 2.66
C CYS C 283 -26.25 42.02 2.40
N ARG C 284 -26.73 42.43 1.22
CA ARG C 284 -26.96 43.83 0.87
C ARG C 284 -28.47 44.08 0.67
N VAL C 285 -28.96 45.21 1.17
CA VAL C 285 -30.37 45.61 1.06
C VAL C 285 -30.50 46.80 0.11
N LYS C 286 -31.37 46.68 -0.89
CA LYS C 286 -31.73 47.80 -1.75
C LYS C 286 -32.92 48.55 -1.17
N LEU C 287 -32.65 49.72 -0.59
CA LEU C 287 -33.70 50.52 0.02
C LEU C 287 -34.50 51.35 -0.97
N SER C 288 -33.97 51.58 -2.17
CA SER C 288 -34.49 52.63 -3.03
C SER C 288 -35.97 52.46 -3.35
N ALA C 289 -36.44 51.24 -3.59
CA ALA C 289 -37.80 51.04 -4.05
C ALA C 289 -38.84 50.97 -2.93
N LEU C 290 -38.46 51.28 -1.70
CA LEU C 290 -39.42 51.45 -0.62
C LEU C 290 -40.05 52.84 -0.67
N THR C 291 -41.26 52.94 -0.10
CA THR C 291 -42.01 54.19 -0.08
C THR C 291 -42.81 54.27 1.21
N LEU C 292 -43.21 55.49 1.57
CA LEU C 292 -44.09 55.74 2.70
C LEU C 292 -45.54 55.86 2.26
N LYS C 293 -46.43 55.16 2.96
CA LYS C 293 -47.75 54.88 2.41
C LYS C 293 -48.67 56.09 2.41
N GLY C 294 -48.60 56.95 3.42
CA GLY C 294 -49.67 57.88 3.65
C GLY C 294 -49.32 59.35 3.82
N THR C 295 -48.17 59.76 3.28
CA THR C 295 -47.64 61.09 3.56
C THR C 295 -48.57 62.22 3.15
N SER C 296 -49.50 61.98 2.23
CA SER C 296 -50.46 63.00 1.86
C SER C 296 -51.65 63.11 2.78
N TYR C 297 -51.83 62.21 3.74
CA TYR C 297 -53.07 62.18 4.51
C TYR C 297 -53.15 63.30 5.54
N LYS C 298 -54.36 63.55 6.02
CA LYS C 298 -54.63 64.45 7.13
C LYS C 298 -53.89 64.03 8.40
N MET C 299 -53.79 64.97 9.35
CA MET C 299 -53.10 64.76 10.62
C MET C 299 -54.12 64.71 11.75
N CYS C 300 -53.98 63.71 12.61
CA CYS C 300 -55.03 63.35 13.56
C CYS C 300 -55.35 64.49 14.52
N THR C 301 -56.60 64.48 14.97
CA THR C 301 -57.07 65.49 15.91
C THR C 301 -58.04 64.96 16.95
N ASP C 302 -58.71 63.85 16.70
CA ASP C 302 -59.56 63.20 17.68
C ASP C 302 -58.74 62.45 18.73
N LYS C 303 -59.27 62.39 19.95
CA LYS C 303 -58.58 61.87 21.12
C LYS C 303 -58.17 60.42 20.96
N MET C 304 -56.86 60.17 20.86
CA MET C 304 -56.35 58.82 20.88
C MET C 304 -56.33 58.26 22.31
N SER C 305 -55.98 56.98 22.43
CA SER C 305 -55.81 56.31 23.70
C SER C 305 -54.77 55.21 23.59
N PHE C 306 -54.09 54.93 24.68
CA PHE C 306 -53.11 53.85 24.75
C PHE C 306 -53.76 52.50 25.01
N VAL C 307 -53.51 51.55 24.12
CA VAL C 307 -53.86 50.16 24.38
C VAL C 307 -52.81 49.49 25.24
N LYS C 308 -51.55 49.62 24.86
CA LYS C 308 -50.41 49.25 25.70
C LYS C 308 -49.59 50.51 25.90
N ASN C 309 -49.42 50.91 27.15
CA ASN C 309 -48.59 52.06 27.45
C ASN C 309 -47.17 51.82 26.95
N PRO C 310 -46.42 52.87 26.69
CA PRO C 310 -45.03 52.70 26.29
C PRO C 310 -44.25 51.86 27.28
N THR C 311 -43.40 50.98 26.76
CA THR C 311 -42.63 50.04 27.57
C THR C 311 -41.22 49.91 27.02
N ASP C 312 -40.31 49.51 27.88
CA ASP C 312 -38.91 49.40 27.52
C ASP C 312 -38.61 48.08 26.82
N THR C 313 -38.01 48.16 25.64
CA THR C 313 -37.62 46.98 24.89
C THR C 313 -36.29 46.40 25.33
N GLY C 314 -35.45 47.19 25.96
CA GLY C 314 -34.09 46.82 26.25
C GLY C 314 -33.10 47.18 25.17
N HIS C 315 -33.55 47.43 23.97
CA HIS C 315 -32.68 47.92 22.92
C HIS C 315 -32.55 49.43 22.99
N GLY C 316 -32.94 50.02 24.12
CA GLY C 316 -33.05 51.47 24.26
C GLY C 316 -34.30 52.09 23.71
N THR C 317 -34.97 51.44 22.77
CA THR C 317 -36.22 51.95 22.25
C THR C 317 -37.39 51.66 23.18
N ALA C 318 -38.44 52.46 23.06
CA ALA C 318 -39.69 52.28 23.77
C ALA C 318 -40.81 52.01 22.78
N VAL C 319 -41.76 51.15 23.15
CA VAL C 319 -42.82 50.71 22.25
C VAL C 319 -44.18 50.89 22.89
N MET C 320 -45.14 51.38 22.12
CA MET C 320 -46.49 51.65 22.57
C MET C 320 -47.46 51.19 21.50
N GLN C 321 -48.73 51.04 21.88
CA GLN C 321 -49.78 50.81 20.90
C GLN C 321 -50.94 51.76 21.17
N VAL C 322 -51.42 52.44 20.13
CA VAL C 322 -52.35 53.54 20.25
C VAL C 322 -53.60 53.29 19.40
N LYS C 323 -54.74 53.73 19.91
CA LYS C 323 -56.06 53.48 19.32
C LYS C 323 -56.59 54.78 18.72
N VAL C 324 -57.10 54.71 17.50
CA VAL C 324 -57.57 55.89 16.79
C VAL C 324 -59.07 55.78 16.53
N PRO C 325 -59.92 56.17 17.49
CA PRO C 325 -61.31 55.77 17.43
C PRO C 325 -62.17 56.58 16.47
N LYS C 326 -61.70 57.70 15.95
CA LYS C 326 -62.49 58.50 15.01
C LYS C 326 -61.58 59.16 14.00
N GLY C 327 -62.14 59.49 12.85
CA GLY C 327 -61.41 60.24 11.84
C GLY C 327 -60.18 59.55 11.31
N ALA C 328 -60.16 58.25 11.36
CA ALA C 328 -58.92 57.47 11.43
C ALA C 328 -58.04 57.45 10.17
N PRO C 329 -58.54 57.72 8.95
CA PRO C 329 -57.63 57.67 7.80
C PRO C 329 -56.60 58.78 7.81
N CYS C 330 -55.68 58.71 8.75
CA CYS C 330 -55.06 59.92 9.26
C CYS C 330 -53.73 59.59 9.90
N ARG C 331 -52.77 60.51 9.78
CA ARG C 331 -51.44 60.33 10.34
C ARG C 331 -51.40 60.59 11.84
N ILE C 332 -50.70 59.73 12.57
CA ILE C 332 -50.54 59.85 14.02
C ILE C 332 -49.26 60.63 14.31
N PRO C 333 -49.33 61.88 14.72
CA PRO C 333 -48.12 62.63 15.02
C PRO C 333 -47.48 62.21 16.33
N VAL C 334 -46.31 61.59 16.28
CA VAL C 334 -45.58 61.21 17.48
C VAL C 334 -44.21 61.90 17.52
N MET C 335 -43.83 62.38 18.70
CA MET C 335 -42.56 63.06 18.87
C MET C 335 -42.06 62.85 20.30
N VAL C 336 -40.75 62.97 20.46
CA VAL C 336 -40.11 62.94 21.77
C VAL C 336 -39.44 64.29 22.01
N ALA C 337 -39.76 64.93 23.12
CA ALA C 337 -39.36 66.31 23.35
C ALA C 337 -38.61 66.46 24.66
N ASP C 338 -37.85 67.56 24.74
CA ASP C 338 -37.18 67.92 25.99
C ASP C 338 -38.19 68.32 27.06
N ASP C 339 -39.12 69.20 26.72
CA ASP C 339 -40.19 69.56 27.65
C ASP C 339 -41.43 69.94 26.85
N LEU C 340 -42.53 70.14 27.57
CA LEU C 340 -43.83 70.32 26.94
C LEU C 340 -43.96 71.59 26.10
N THR C 341 -42.94 72.44 26.00
CA THR C 341 -42.90 73.35 24.87
C THR C 341 -42.71 72.61 23.55
N ALA C 342 -42.30 71.34 23.61
CA ALA C 342 -42.30 70.42 22.47
C ALA C 342 -41.55 71.00 21.28
N ALA C 343 -40.41 71.60 21.56
CA ALA C 343 -39.73 72.38 20.54
C ALA C 343 -39.42 71.56 19.31
N VAL C 344 -38.88 70.35 19.49
CA VAL C 344 -38.50 69.49 18.37
C VAL C 344 -38.59 68.03 18.81
N ASN C 345 -38.81 67.16 17.83
CA ASN C 345 -38.69 65.71 18.05
C ASN C 345 -37.22 65.38 18.21
N LYS C 346 -36.73 65.54 19.42
CA LYS C 346 -35.35 65.19 19.74
C LYS C 346 -35.07 63.71 19.53
N GLY C 347 -36.12 62.86 19.48
CA GLY C 347 -35.95 61.44 19.24
C GLY C 347 -35.91 61.03 17.77
N ILE C 348 -35.60 59.75 17.56
CA ILE C 348 -35.65 59.10 16.26
C ILE C 348 -36.84 58.16 16.25
N LEU C 349 -37.71 58.29 15.28
CA LEU C 349 -38.84 57.41 15.12
C LEU C 349 -38.47 56.21 14.27
N VAL C 350 -38.63 55.00 14.81
CA VAL C 350 -38.37 53.81 14.01
C VAL C 350 -39.56 53.48 13.13
N THR C 351 -40.78 53.64 13.64
CA THR C 351 -41.96 53.73 12.79
C THR C 351 -42.00 55.12 12.18
N VAL C 352 -41.56 55.21 10.92
CA VAL C 352 -41.17 56.49 10.37
C VAL C 352 -42.37 57.40 10.12
N ASN C 353 -43.51 56.85 9.76
CA ASN C 353 -44.70 57.67 9.51
C ASN C 353 -45.95 56.89 9.83
N PRO C 354 -46.34 56.84 11.10
CA PRO C 354 -47.45 55.98 11.50
C PRO C 354 -48.76 56.53 11.00
N ILE C 355 -49.48 55.74 10.22
CA ILE C 355 -50.79 56.10 9.72
C ILE C 355 -51.78 55.09 10.25
N ALA C 356 -52.97 55.58 10.60
CA ALA C 356 -54.11 54.73 10.81
C ALA C 356 -54.96 54.65 9.54
N SER C 357 -55.68 53.55 9.39
CA SER C 357 -56.29 53.23 8.11
C SER C 357 -57.74 52.80 8.18
N THR C 358 -58.29 52.55 9.36
CA THR C 358 -59.65 52.06 9.52
C THR C 358 -60.25 52.69 10.76
N ASN C 359 -61.56 52.75 10.80
CA ASN C 359 -62.24 53.62 11.75
C ASN C 359 -62.05 53.21 13.20
N ASP C 360 -61.35 52.12 13.50
CA ASP C 360 -60.99 51.81 14.87
C ASP C 360 -59.62 51.14 14.91
N ASP C 361 -58.74 51.58 14.02
CA ASP C 361 -57.42 50.99 13.85
C ASP C 361 -56.59 51.14 15.13
N GLU C 362 -55.68 50.19 15.33
CA GLU C 362 -54.73 50.23 16.45
C GLU C 362 -53.33 50.01 15.92
N VAL C 363 -52.42 50.94 16.23
CA VAL C 363 -51.13 51.07 15.56
C VAL C 363 -50.02 51.03 16.58
N LEU C 364 -48.99 50.23 16.30
CA LEU C 364 -47.78 50.19 17.12
C LEU C 364 -46.76 51.23 16.67
N ILE C 365 -46.12 51.87 17.64
CA ILE C 365 -45.11 52.88 17.39
C ILE C 365 -43.89 52.56 18.22
N GLU C 366 -42.72 52.64 17.63
CA GLU C 366 -41.46 52.46 18.32
C GLU C 366 -40.64 53.73 18.23
N VAL C 367 -40.21 54.26 19.36
CA VAL C 367 -39.42 55.48 19.41
C VAL C 367 -38.09 55.21 20.09
N ASN C 368 -37.05 55.88 19.62
CA ASN C 368 -35.76 55.88 20.30
C ASN C 368 -35.59 57.19 21.04
N PRO C 369 -35.96 57.24 22.32
CA PRO C 369 -35.88 58.49 23.05
C PRO C 369 -34.45 58.91 23.27
N PRO C 370 -34.20 60.21 23.38
CA PRO C 370 -32.85 60.70 23.66
C PRO C 370 -32.39 60.31 25.06
N PHE C 371 -31.08 60.35 25.24
CA PHE C 371 -30.52 60.22 26.57
C PHE C 371 -31.05 61.31 27.48
N GLY C 372 -31.20 60.98 28.76
CA GLY C 372 -31.76 61.89 29.74
C GLY C 372 -33.27 61.82 29.89
N ASP C 373 -33.83 62.91 30.41
CA ASP C 373 -35.27 63.05 30.55
C ASP C 373 -35.91 63.40 29.22
N SER C 374 -37.15 62.94 29.04
CA SER C 374 -37.92 63.28 27.86
C SER C 374 -39.39 63.11 28.15
N TYR C 375 -40.21 63.72 27.31
CA TYR C 375 -41.62 63.38 27.19
C TYR C 375 -41.89 62.75 25.84
N ILE C 376 -42.44 61.55 25.82
CA ILE C 376 -43.10 61.05 24.63
C ILE C 376 -44.43 61.77 24.48
N ILE C 377 -44.73 62.21 23.27
CA ILE C 377 -45.94 62.97 22.98
C ILE C 377 -46.58 62.39 21.73
N VAL C 378 -47.90 62.25 21.76
CA VAL C 378 -48.65 61.90 20.57
C VAL C 378 -49.93 62.72 20.50
N GLY C 379 -50.22 63.25 19.31
CA GLY C 379 -51.39 64.08 19.08
C GLY C 379 -51.11 65.57 18.97
N ARG C 380 -52.16 66.33 19.23
CA ARG C 380 -52.17 67.77 19.12
C ARG C 380 -52.85 68.36 20.34
N GLY C 381 -52.72 69.65 20.49
CA GLY C 381 -53.12 70.37 21.68
C GLY C 381 -54.45 70.02 22.31
N ASP C 382 -54.51 70.10 23.63
CA ASP C 382 -55.67 69.74 24.44
C ASP C 382 -56.05 68.29 24.29
N SER C 383 -55.30 67.53 23.52
CA SER C 383 -55.61 66.13 23.34
C SER C 383 -54.36 65.26 23.36
N ARG C 384 -53.19 65.84 23.63
CA ARG C 384 -51.97 65.08 23.66
C ARG C 384 -52.07 63.96 24.68
N LEU C 385 -51.76 62.75 24.26
CA LEU C 385 -51.24 61.78 25.19
C LEU C 385 -49.77 62.07 25.42
N THR C 386 -49.34 61.98 26.67
CA THR C 386 -47.95 62.19 27.03
C THR C 386 -47.52 61.16 28.06
N TYR C 387 -46.21 60.87 28.09
CA TYR C 387 -45.65 59.88 29.00
C TYR C 387 -44.18 60.19 29.25
N GLN C 388 -43.80 60.35 30.51
CA GLN C 388 -42.41 60.62 30.85
C GLN C 388 -41.55 59.39 30.65
N TRP C 389 -40.44 59.53 29.95
CA TRP C 389 -39.52 58.43 29.70
C TRP C 389 -38.10 58.89 29.96
N HIS C 390 -37.33 58.08 30.69
CA HIS C 390 -35.96 58.42 31.06
C HIS C 390 -34.96 57.39 30.54
N LYS C 391 -34.10 57.82 29.62
CA LYS C 391 -33.17 57.01 28.84
C LYS C 391 -33.59 55.54 28.70
#